data_1SER
#
_entry.id   1SER
#
_cell.length_a   124.500
_cell.length_b   128.900
_cell.length_c   121.200
_cell.angle_alpha   90.00
_cell.angle_beta   90.00
_cell.angle_gamma   90.00
#
_symmetry.space_group_name_H-M   'P 21 21 21'
#
loop_
_entity.id
_entity.type
_entity.pdbx_description
1 polymer TRNASER
2 polymer 'PROTEIN (SERYL-TRNA SYNTHETASE (E.C.6.1.1.11))'
3 water water
#
loop_
_entity_poly.entity_id
_entity_poly.type
_entity_poly.pdbx_seq_one_letter_code
_entity_poly.pdbx_strand_id
1 'polyribonucleotide'
;GGAGAGGUGCCCGAGUGGC(H2U)GAAGGGACACGACUGGAAAUCGUGUAGGGGGGCUUAAACCUCCCUCGCGGG(5MU)
(PSU)CGAAUCCCGCCCUCUCCGCCA
;
T
2 'polypeptide(L)'
;MVDLKRLRQEPEVFHRAIREKGVALDLEALLALDREVQELKKRLQEVQTERNQVAKRVPKAPPEEKEALIARGKALGEEA
KRLEEALREKEARLEALLLQVPLPPWPGAPVGGEEANREIKRVGGPPEFSFPPLDHVALMEKNGWWEPRISQVSGSRSYA
LKGDLALYELALLRFAMDFMARRGFLPMTLPSYAREKAFLGTGHFPAYRDQVWAIAETDLYLTGTAEVVLNALHSGEILP
YEALPLRYAGYAPAFRSEAGSFGKDVRGLMRVHQFHKVEQYVLTEASLEASDRAFQELLENAEEILRLLELPYRLVEVAT
GDMGPGKWRQVDIEVYLPSEGRYRETHSCSALLDWQARRANLRYRDPEGRVRYAYTLNNTALATPRILAMLLENHQLQDG
RVRVPQALIPYMGKEVLEPCG
;
A,B
#
# COMPACT_ATOMS: atom_id res chain seq x y z
N MET B 1 0.94 14.28 -27.57
CA MET B 1 0.68 14.26 -28.97
C MET B 1 0.99 15.63 -29.52
N VAL B 2 1.09 15.67 -30.83
CA VAL B 2 1.42 16.90 -31.48
C VAL B 2 0.44 17.08 -32.62
N ASP B 3 0.26 18.35 -32.95
CA ASP B 3 -0.67 18.76 -33.98
C ASP B 3 -0.20 18.39 -35.37
N LEU B 4 -0.85 17.34 -35.82
CA LEU B 4 -0.67 16.76 -37.14
C LEU B 4 -0.52 17.81 -38.24
N LYS B 5 -1.29 18.88 -38.13
CA LYS B 5 -1.25 20.01 -39.03
C LYS B 5 0.14 20.59 -39.10
N ARG B 6 0.69 21.15 -38.04
CA ARG B 6 1.99 21.78 -38.19
C ARG B 6 3.10 20.74 -38.23
N LEU B 7 2.82 19.48 -37.93
CA LEU B 7 3.80 18.43 -38.09
C LEU B 7 4.10 18.34 -39.57
N ARG B 8 3.13 18.02 -40.42
CA ARG B 8 3.37 17.95 -41.85
C ARG B 8 3.68 19.32 -42.43
N GLN B 9 3.24 20.40 -41.80
CA GLN B 9 3.57 21.72 -42.26
C GLN B 9 4.98 22.17 -41.85
N GLU B 10 5.65 21.59 -40.84
CA GLU B 10 6.97 22.04 -40.44
C GLU B 10 7.92 20.93 -40.02
N PRO B 11 8.06 19.86 -40.80
CA PRO B 11 8.68 18.61 -40.37
C PRO B 11 10.11 18.71 -39.84
N GLU B 12 10.84 19.80 -40.15
CA GLU B 12 12.21 19.96 -39.68
C GLU B 12 12.21 20.15 -38.18
N VAL B 13 11.26 20.92 -37.62
CA VAL B 13 11.24 21.22 -36.19
C VAL B 13 11.20 19.90 -35.42
N PHE B 14 10.38 18.99 -35.94
CA PHE B 14 10.23 17.67 -35.37
C PHE B 14 11.43 16.79 -35.64
N HIS B 15 12.05 16.85 -36.81
CA HIS B 15 13.23 16.03 -37.05
C HIS B 15 14.32 16.43 -36.08
N ARG B 16 14.54 17.75 -35.95
CA ARG B 16 15.50 18.32 -35.04
C ARG B 16 15.13 17.89 -33.62
N ALA B 17 13.85 18.01 -33.26
CA ALA B 17 13.36 17.61 -31.96
C ALA B 17 13.65 16.13 -31.68
N ILE B 18 13.35 15.22 -32.60
CA ILE B 18 13.59 13.79 -32.40
C ILE B 18 15.08 13.58 -32.22
N ARG B 19 15.87 14.37 -32.96
CA ARG B 19 17.32 14.33 -32.91
C ARG B 19 17.79 14.58 -31.48
N GLU B 20 17.54 15.80 -31.02
CA GLU B 20 18.05 16.24 -29.73
C GLU B 20 17.50 15.46 -28.57
N LYS B 21 16.34 14.82 -28.77
CA LYS B 21 15.75 14.01 -27.73
C LYS B 21 16.08 12.53 -27.84
N GLY B 22 16.66 12.04 -28.94
CA GLY B 22 17.03 10.63 -29.03
C GLY B 22 15.83 9.66 -29.07
N VAL B 23 14.79 9.99 -29.84
CA VAL B 23 13.62 9.12 -29.96
C VAL B 23 13.86 8.21 -31.18
N ALA B 24 13.33 6.99 -31.09
CA ALA B 24 13.43 6.04 -32.18
C ALA B 24 12.15 6.23 -32.97
N LEU B 25 12.21 7.08 -34.00
CA LEU B 25 11.09 7.29 -34.88
C LEU B 25 11.62 7.80 -36.21
N ASP B 26 11.22 7.24 -37.34
CA ASP B 26 11.63 7.82 -38.62
C ASP B 26 10.37 8.53 -39.02
N LEU B 27 10.47 9.84 -38.82
CA LEU B 27 9.38 10.73 -39.15
C LEU B 27 8.95 10.61 -40.60
N GLU B 28 9.85 10.26 -41.52
CA GLU B 28 9.47 10.09 -42.93
C GLU B 28 8.46 8.98 -43.21
N ALA B 29 8.52 7.88 -42.45
CA ALA B 29 7.59 6.76 -42.59
C ALA B 29 6.18 7.13 -42.12
N LEU B 30 6.14 7.89 -41.02
CA LEU B 30 4.91 8.41 -40.47
C LEU B 30 4.32 9.38 -41.49
N LEU B 31 5.12 10.34 -41.96
CA LEU B 31 4.70 11.31 -42.96
C LEU B 31 4.20 10.66 -44.25
N ALA B 32 4.67 9.44 -44.56
CA ALA B 32 4.18 8.69 -45.70
C ALA B 32 2.76 8.21 -45.43
N LEU B 33 2.54 7.57 -44.29
CA LEU B 33 1.22 7.11 -43.89
C LEU B 33 0.22 8.25 -43.84
N ASP B 34 0.58 9.44 -43.35
CA ASP B 34 -0.32 10.57 -43.44
C ASP B 34 -0.11 11.21 -44.82
N ARG B 35 -0.79 10.50 -45.70
CA ARG B 35 -0.92 10.76 -47.13
C ARG B 35 -1.77 9.56 -47.51
N GLU B 36 -1.29 8.36 -47.19
CA GLU B 36 -2.07 7.17 -47.43
C GLU B 36 -3.37 7.11 -46.63
N VAL B 37 -3.49 7.69 -45.42
CA VAL B 37 -4.75 7.67 -44.70
C VAL B 37 -5.81 8.48 -45.47
N GLN B 38 -5.53 9.21 -46.58
CA GLN B 38 -6.59 9.84 -47.37
C GLN B 38 -7.36 8.74 -48.14
N ARG B 88 -8.63 2.90 -44.39
CA ARG B 88 -8.42 1.50 -43.97
C ARG B 88 -7.30 1.35 -42.94
N GLU B 89 -6.47 0.29 -42.99
CA GLU B 89 -5.35 0.04 -42.10
C GLU B 89 -4.47 1.24 -41.72
N LYS B 90 -4.23 2.10 -42.71
CA LYS B 90 -3.36 3.24 -42.59
C LYS B 90 -3.70 4.08 -41.38
N GLU B 91 -5.01 4.23 -41.16
CA GLU B 91 -5.58 5.00 -40.06
C GLU B 91 -4.92 4.65 -38.72
N ALA B 92 -5.13 3.41 -38.27
CA ALA B 92 -4.62 2.99 -36.98
C ALA B 92 -3.11 2.83 -36.89
N ARG B 93 -2.47 2.45 -38.01
CA ARG B 93 -1.02 2.29 -38.05
C ARG B 93 -0.37 3.65 -37.83
N LEU B 94 -0.96 4.68 -38.43
CA LEU B 94 -0.52 6.03 -38.27
C LEU B 94 -0.68 6.48 -36.80
N GLU B 95 -1.81 6.20 -36.14
CA GLU B 95 -2.04 6.57 -34.73
C GLU B 95 -0.98 6.11 -33.75
N ALA B 96 -0.64 4.81 -33.72
CA ALA B 96 0.40 4.33 -32.81
C ALA B 96 1.73 5.01 -33.08
N LEU B 97 1.99 5.40 -34.34
CA LEU B 97 3.21 6.09 -34.69
C LEU B 97 3.16 7.53 -34.24
N LEU B 98 2.00 8.14 -34.43
CA LEU B 98 1.77 9.53 -34.08
C LEU B 98 1.99 9.76 -32.58
N LEU B 99 1.51 8.84 -31.74
CA LEU B 99 1.66 8.94 -30.29
C LEU B 99 3.12 8.93 -29.80
N GLN B 100 4.11 8.75 -30.70
CA GLN B 100 5.52 8.72 -30.33
C GLN B 100 6.27 9.99 -30.75
N VAL B 101 5.57 10.92 -31.39
CA VAL B 101 6.22 12.16 -31.81
C VAL B 101 6.40 13.01 -30.56
N PRO B 102 7.63 13.51 -30.38
CA PRO B 102 8.02 14.34 -29.26
C PRO B 102 7.64 15.83 -29.39
N LEU B 103 7.60 16.55 -28.25
CA LEU B 103 7.36 17.98 -28.24
C LEU B 103 8.75 18.60 -28.44
N PRO B 104 8.91 19.64 -29.24
CA PRO B 104 10.17 20.40 -29.33
C PRO B 104 10.59 21.02 -28.01
N PRO B 105 11.78 20.77 -27.47
CA PRO B 105 12.28 21.39 -26.24
C PRO B 105 12.36 22.90 -26.20
N TRP B 106 12.32 23.53 -25.01
CA TRP B 106 12.42 24.97 -24.95
C TRP B 106 13.80 25.33 -25.38
N PRO B 107 13.96 26.44 -26.11
CA PRO B 107 15.25 26.94 -26.52
C PRO B 107 16.34 27.05 -25.44
N GLY B 108 16.08 27.22 -24.14
CA GLY B 108 17.16 27.34 -23.17
C GLY B 108 17.71 26.00 -22.71
N ALA B 109 17.20 24.86 -23.20
CA ALA B 109 17.61 23.56 -22.68
C ALA B 109 18.98 23.23 -23.21
N PRO B 110 19.94 22.78 -22.41
CA PRO B 110 21.16 22.17 -22.91
C PRO B 110 20.87 20.98 -23.80
N VAL B 111 21.56 20.92 -24.92
CA VAL B 111 21.41 19.81 -25.83
C VAL B 111 22.48 18.84 -25.39
N GLY B 112 22.11 17.58 -25.31
CA GLY B 112 23.02 16.56 -24.86
C GLY B 112 22.24 15.66 -23.95
N GLY B 113 22.79 14.51 -23.58
CA GLY B 113 22.11 13.61 -22.66
C GLY B 113 22.36 14.09 -21.25
N GLU B 114 22.29 13.12 -20.34
CA GLU B 114 22.51 13.32 -18.92
C GLU B 114 23.61 14.29 -18.59
N GLU B 115 24.83 14.02 -19.05
CA GLU B 115 25.94 14.88 -18.72
C GLU B 115 25.91 16.29 -19.32
N ALA B 116 24.84 16.78 -19.96
CA ALA B 116 24.80 18.16 -20.37
C ALA B 116 23.92 18.94 -19.40
N ASN B 117 23.45 18.34 -18.31
CA ASN B 117 22.57 18.97 -17.35
C ASN B 117 23.27 20.12 -16.65
N ARG B 118 22.71 21.30 -16.55
CA ARG B 118 23.47 22.40 -16.02
C ARG B 118 23.12 22.84 -14.61
N GLU B 119 23.95 22.88 -13.58
CA GLU B 119 23.55 23.42 -12.29
C GLU B 119 23.14 24.88 -12.47
N ILE B 120 21.99 25.24 -11.95
CA ILE B 120 21.41 26.57 -12.06
C ILE B 120 21.88 27.33 -10.86
N LYS B 121 21.73 26.73 -9.68
CA LYS B 121 22.07 27.36 -8.42
C LYS B 121 21.98 26.28 -7.35
N ARG B 122 22.56 26.54 -6.18
CA ARG B 122 22.54 25.62 -5.06
C ARG B 122 22.27 26.42 -3.79
N VAL B 123 21.45 25.93 -2.86
CA VAL B 123 21.11 26.69 -1.67
C VAL B 123 21.40 25.85 -0.46
N GLY B 124 22.15 26.44 0.44
CA GLY B 124 22.59 25.74 1.63
C GLY B 124 23.94 25.10 1.35
N GLY B 125 24.58 24.65 2.41
CA GLY B 125 25.88 24.04 2.34
C GLY B 125 25.82 22.84 3.26
N PRO B 126 26.59 21.78 2.99
CA PRO B 126 26.73 20.56 3.79
C PRO B 126 26.85 20.74 5.30
N PRO B 127 26.69 19.67 6.07
CA PRO B 127 26.72 19.77 7.52
C PRO B 127 28.14 19.78 8.06
N GLU B 128 28.29 20.38 9.25
CA GLU B 128 29.56 20.49 9.94
C GLU B 128 29.60 19.34 10.94
N PHE B 129 30.27 18.22 10.66
CA PHE B 129 30.29 17.17 11.66
C PHE B 129 31.61 17.09 12.39
N SER B 130 31.37 16.78 13.65
CA SER B 130 32.39 16.58 14.67
C SER B 130 32.47 15.12 15.11
N PHE B 131 32.08 14.22 14.21
CA PHE B 131 32.04 12.77 14.36
C PHE B 131 31.86 12.27 12.92
N PRO B 132 32.22 11.08 12.49
CA PRO B 132 31.90 10.62 11.14
C PRO B 132 30.39 10.39 11.04
N PRO B 133 29.76 10.96 10.04
CA PRO B 133 28.38 10.70 9.74
C PRO B 133 28.19 9.23 9.41
N LEU B 134 27.18 8.63 10.04
CA LEU B 134 26.80 7.29 9.69
C LEU B 134 25.85 7.45 8.53
N ASP B 135 25.60 6.38 7.80
CA ASP B 135 24.64 6.45 6.71
C ASP B 135 23.19 6.16 7.15
N HIS B 136 22.17 6.36 6.30
CA HIS B 136 20.79 6.26 6.75
C HIS B 136 20.44 4.88 7.23
N VAL B 137 20.92 3.87 6.50
CA VAL B 137 20.62 2.49 6.86
C VAL B 137 21.25 2.12 8.21
N ALA B 138 22.45 2.57 8.51
CA ALA B 138 23.11 2.24 9.77
C ALA B 138 22.52 3.02 10.92
N LEU B 139 21.96 4.20 10.64
CA LEU B 139 21.28 4.96 11.67
C LEU B 139 20.01 4.20 12.04
N MET B 140 19.23 3.80 11.04
CA MET B 140 18.00 3.07 11.24
C MET B 140 18.26 1.80 12.01
N GLU B 141 19.23 1.05 11.55
CA GLU B 141 19.64 -0.20 12.19
C GLU B 141 20.08 0.04 13.62
N LYS B 142 20.78 1.13 13.91
CA LYS B 142 21.27 1.39 15.23
C LYS B 142 20.13 1.66 16.20
N ASN B 143 19.04 2.25 15.72
CA ASN B 143 17.93 2.68 16.57
C ASN B 143 16.68 1.79 16.60
N GLY B 144 16.68 0.68 15.87
CA GLY B 144 15.52 -0.18 15.74
C GLY B 144 14.40 0.54 15.02
N TRP B 145 14.69 1.36 14.03
CA TRP B 145 13.67 2.07 13.31
C TRP B 145 13.28 1.38 12.04
N TRP B 146 13.79 0.19 11.74
CA TRP B 146 13.34 -0.47 10.55
C TRP B 146 13.36 -2.00 10.67
N GLU B 147 12.49 -2.66 9.94
CA GLU B 147 12.34 -4.06 10.01
C GLU B 147 12.87 -4.81 8.79
N PRO B 148 14.09 -5.37 8.86
CA PRO B 148 14.73 -6.17 7.81
C PRO B 148 14.00 -7.41 7.35
N ARG B 149 13.22 -8.05 8.23
CA ARG B 149 12.54 -9.28 7.90
C ARG B 149 11.47 -9.12 6.84
N ILE B 150 11.12 -7.89 6.45
CA ILE B 150 10.15 -7.72 5.39
C ILE B 150 10.67 -8.25 4.04
N SER B 151 11.98 -8.37 3.74
CA SER B 151 12.36 -8.85 2.41
C SER B 151 12.03 -10.31 2.25
N GLN B 152 11.89 -11.01 3.38
CA GLN B 152 11.43 -12.40 3.40
C GLN B 152 9.91 -12.52 3.12
N VAL B 153 9.07 -11.63 3.69
CA VAL B 153 7.62 -11.58 3.46
C VAL B 153 7.21 -11.13 2.03
N SER B 154 7.69 -9.95 1.63
CA SER B 154 7.28 -9.31 0.40
C SER B 154 8.34 -9.31 -0.69
N GLY B 155 9.54 -9.77 -0.43
CA GLY B 155 10.56 -9.77 -1.45
C GLY B 155 11.40 -8.51 -1.36
N SER B 156 12.19 -8.38 -2.42
CA SER B 156 13.15 -7.32 -2.56
C SER B 156 12.59 -5.94 -2.78
N ARG B 157 13.39 -5.05 -2.21
CA ARG B 157 13.22 -3.60 -2.39
C ARG B 157 11.90 -3.17 -1.83
N SER B 158 11.78 -3.52 -0.56
CA SER B 158 10.57 -3.36 0.23
C SER B 158 10.98 -2.65 1.50
N TYR B 159 10.14 -1.93 2.21
CA TYR B 159 10.56 -1.39 3.47
C TYR B 159 9.45 -1.41 4.55
N ALA B 160 9.78 -1.44 5.84
CA ALA B 160 8.82 -1.40 6.94
C ALA B 160 9.50 -0.58 8.03
N LEU B 161 8.87 0.48 8.54
CA LEU B 161 9.49 1.37 9.50
C LEU B 161 8.89 1.13 10.89
N LYS B 162 9.56 1.41 11.99
CA LYS B 162 9.16 1.06 13.32
C LYS B 162 9.39 2.19 14.29
N GLY B 163 8.54 2.37 15.29
CA GLY B 163 8.81 3.39 16.27
C GLY B 163 8.74 4.78 15.67
N ASP B 164 9.51 5.77 16.19
CA ASP B 164 9.32 7.14 15.76
C ASP B 164 9.55 7.33 14.30
N LEU B 165 10.24 6.45 13.55
CA LEU B 165 10.41 6.76 12.15
C LEU B 165 9.09 6.55 11.41
N ALA B 166 8.27 5.58 11.81
CA ALA B 166 6.94 5.39 11.22
C ALA B 166 6.07 6.61 11.51
N LEU B 167 5.93 7.08 12.73
CA LEU B 167 5.18 8.31 12.98
C LEU B 167 5.78 9.51 12.22
N TYR B 168 7.09 9.58 11.98
CA TYR B 168 7.69 10.66 11.21
C TYR B 168 7.20 10.62 9.77
N GLU B 169 7.16 9.44 9.20
CA GLU B 169 6.76 9.28 7.83
C GLU B 169 5.35 9.78 7.57
N LEU B 170 4.39 9.47 8.46
CA LEU B 170 3.02 9.93 8.29
C LEU B 170 3.03 11.42 8.64
N ALA B 171 3.77 11.89 9.64
CA ALA B 171 3.94 13.34 9.86
C ALA B 171 4.37 14.16 8.64
N LEU B 172 5.38 13.81 7.84
CA LEU B 172 5.82 14.62 6.68
C LEU B 172 4.77 14.65 5.59
N LEU B 173 4.00 13.58 5.39
CA LEU B 173 2.96 13.59 4.39
C LEU B 173 1.87 14.57 4.76
N ARG B 174 1.42 14.56 6.03
CA ARG B 174 0.41 15.51 6.43
C ARG B 174 0.89 16.98 6.37
N PHE B 175 2.15 17.21 6.75
CA PHE B 175 2.75 18.52 6.68
C PHE B 175 2.78 18.96 5.23
N ALA B 176 3.10 18.08 4.26
CA ALA B 176 3.10 18.47 2.87
C ALA B 176 1.70 18.86 2.43
N MET B 177 0.63 18.14 2.78
CA MET B 177 -0.70 18.48 2.32
C MET B 177 -1.15 19.78 2.99
N ASP B 178 -0.88 20.02 4.28
CA ASP B 178 -1.21 21.28 4.93
C ASP B 178 -0.56 22.47 4.23
N PHE B 179 0.73 22.34 3.90
CA PHE B 179 1.45 23.40 3.21
C PHE B 179 0.80 23.64 1.85
N MET B 180 0.56 22.69 0.97
CA MET B 180 -0.06 22.97 -0.30
C MET B 180 -1.40 23.66 -0.14
N ALA B 181 -2.11 23.35 0.91
CA ALA B 181 -3.40 23.95 1.20
C ALA B 181 -3.29 25.42 1.66
N ARG B 182 -2.34 25.85 2.50
CA ARG B 182 -2.11 27.27 2.74
C ARG B 182 -1.75 27.91 1.41
N ARG B 183 -1.07 27.20 0.50
CA ARG B 183 -0.57 27.78 -0.74
C ARG B 183 -1.55 27.90 -1.90
N GLY B 184 -2.84 27.71 -1.64
CA GLY B 184 -3.82 27.81 -2.69
C GLY B 184 -4.02 26.55 -3.50
N PHE B 185 -3.37 25.39 -3.26
CA PHE B 185 -3.61 24.18 -4.05
C PHE B 185 -4.68 23.38 -3.33
N LEU B 186 -5.66 22.85 -4.07
CA LEU B 186 -6.78 22.06 -3.54
C LEU B 186 -6.37 20.64 -3.12
N PRO B 187 -6.49 20.18 -1.87
CA PRO B 187 -6.09 18.85 -1.42
C PRO B 187 -6.99 17.75 -1.94
N MET B 188 -6.46 16.65 -2.43
CA MET B 188 -7.23 15.48 -2.78
C MET B 188 -6.60 14.16 -2.30
N THR B 189 -7.37 13.22 -1.77
CA THR B 189 -6.81 11.91 -1.44
C THR B 189 -7.39 11.06 -2.55
N LEU B 190 -6.57 10.25 -3.21
CA LEU B 190 -6.93 9.53 -4.42
C LEU B 190 -6.59 8.04 -4.36
N PRO B 191 -7.13 7.20 -5.28
CA PRO B 191 -6.71 5.81 -5.49
C PRO B 191 -5.38 5.67 -6.22
N SER B 192 -4.80 4.48 -6.16
CA SER B 192 -3.56 4.17 -6.82
C SER B 192 -3.76 3.27 -8.01
N TYR B 193 -4.93 3.26 -8.65
CA TYR B 193 -5.19 2.35 -9.75
C TYR B 193 -6.09 3.10 -10.71
N ALA B 194 -6.01 2.81 -12.00
CA ALA B 194 -6.80 3.49 -12.99
C ALA B 194 -6.79 2.69 -14.28
N ARG B 195 -7.74 2.94 -15.18
CA ARG B 195 -7.81 2.26 -16.46
C ARG B 195 -6.73 2.73 -17.42
N GLU B 196 -6.46 1.90 -18.43
CA GLU B 196 -5.46 2.18 -19.46
C GLU B 196 -5.54 3.59 -20.06
N LYS B 197 -6.70 4.11 -20.47
CA LYS B 197 -6.76 5.42 -21.09
C LYS B 197 -6.13 6.55 -20.27
N ALA B 198 -6.00 6.47 -18.94
CA ALA B 198 -5.37 7.53 -18.16
C ALA B 198 -3.84 7.54 -18.33
N PHE B 199 -3.23 6.36 -18.50
CA PHE B 199 -1.80 6.24 -18.68
C PHE B 199 -1.39 6.79 -20.06
N LEU B 200 -2.19 6.48 -21.11
CA LEU B 200 -2.03 7.06 -22.44
C LEU B 200 -2.18 8.56 -22.30
N GLY B 201 -3.20 9.01 -21.57
CA GLY B 201 -3.44 10.41 -21.30
C GLY B 201 -2.16 11.15 -20.90
N THR B 202 -1.42 10.68 -19.91
CA THR B 202 -0.21 11.39 -19.50
C THR B 202 1.00 11.18 -20.42
N GLY B 203 0.92 10.16 -21.26
CA GLY B 203 2.10 9.71 -21.95
C GLY B 203 2.88 8.62 -21.21
N HIS B 204 2.45 8.08 -20.06
CA HIS B 204 3.19 7.00 -19.42
C HIS B 204 3.09 5.73 -20.31
N PHE B 205 1.95 5.52 -20.97
CA PHE B 205 1.85 4.48 -21.96
C PHE B 205 1.86 5.32 -23.23
N PRO B 206 2.67 4.91 -24.22
CA PRO B 206 3.37 3.61 -24.27
C PRO B 206 4.81 3.55 -23.80
N ALA B 207 5.51 4.67 -23.70
CA ALA B 207 6.93 4.72 -23.38
C ALA B 207 7.41 4.03 -22.11
N TYR B 208 6.54 3.94 -21.12
CA TYR B 208 6.95 3.38 -19.88
C TYR B 208 6.02 2.31 -19.41
N ARG B 209 5.29 1.62 -20.28
CA ARG B 209 4.41 0.54 -19.89
C ARG B 209 5.12 -0.42 -18.97
N ASP B 210 6.37 -0.75 -19.29
CA ASP B 210 7.18 -1.71 -18.56
C ASP B 210 7.56 -1.28 -17.16
N GLN B 211 7.24 -0.06 -16.79
CA GLN B 211 7.49 0.38 -15.44
C GLN B 211 6.24 0.32 -14.55
N VAL B 212 5.12 -0.28 -15.00
CA VAL B 212 3.79 -0.25 -14.35
C VAL B 212 3.20 -1.62 -13.99
N TRP B 213 2.79 -1.92 -12.74
CA TRP B 213 2.21 -3.22 -12.36
C TRP B 213 0.72 -3.41 -12.75
N ALA B 214 0.27 -4.49 -13.36
CA ALA B 214 -1.10 -4.60 -13.80
C ALA B 214 -1.84 -5.46 -12.82
N ILE B 215 -3.10 -5.20 -12.54
CA ILE B 215 -3.79 -6.03 -11.60
C ILE B 215 -4.43 -7.11 -12.45
N ALA B 216 -4.03 -8.34 -12.11
CA ALA B 216 -4.47 -9.53 -12.84
C ALA B 216 -5.96 -9.72 -12.81
N GLU B 217 -6.48 -10.29 -13.91
CA GLU B 217 -7.90 -10.48 -14.18
C GLU B 217 -8.71 -9.19 -14.10
N THR B 218 -8.12 -8.04 -14.40
CA THR B 218 -8.77 -6.76 -14.25
C THR B 218 -8.36 -5.81 -15.38
N ASP B 219 -9.07 -4.72 -15.60
CA ASP B 219 -8.73 -3.73 -16.61
C ASP B 219 -7.98 -2.58 -15.94
N LEU B 220 -7.33 -2.80 -14.79
CA LEU B 220 -6.75 -1.75 -13.99
C LEU B 220 -5.23 -1.89 -13.84
N TYR B 221 -4.52 -0.83 -13.52
CA TYR B 221 -3.06 -0.82 -13.40
C TYR B 221 -2.73 0.01 -12.16
N LEU B 222 -1.65 -0.30 -11.43
CA LEU B 222 -1.31 0.45 -10.25
C LEU B 222 -0.54 1.67 -10.76
N THR B 223 -0.73 2.86 -10.17
CA THR B 223 -0.19 4.06 -10.73
C THR B 223 1.09 4.29 -10.05
N GLY B 224 1.97 4.88 -10.82
CA GLY B 224 3.27 5.27 -10.32
C GLY B 224 3.17 6.69 -9.80
N THR B 225 2.16 7.50 -10.10
CA THR B 225 2.01 8.85 -9.54
C THR B 225 0.56 9.35 -9.73
N ALA B 226 0.15 10.22 -8.79
CA ALA B 226 -1.16 10.82 -8.77
C ALA B 226 -1.41 11.68 -9.99
N GLU B 227 -0.42 12.21 -10.75
CA GLU B 227 -0.75 13.00 -11.93
C GLU B 227 -1.54 12.12 -12.89
N VAL B 228 -1.42 10.77 -12.87
CA VAL B 228 -2.17 9.91 -13.78
C VAL B 228 -3.67 10.11 -13.61
N VAL B 229 -4.10 10.21 -12.36
CA VAL B 229 -5.52 10.27 -12.02
C VAL B 229 -5.89 11.69 -12.24
N LEU B 230 -5.20 12.60 -11.59
CA LEU B 230 -5.43 14.03 -11.63
C LEU B 230 -5.55 14.52 -13.06
N ASN B 231 -4.72 13.99 -13.92
CA ASN B 231 -4.72 14.38 -15.31
C ASN B 231 -6.01 13.97 -15.96
N ALA B 232 -6.45 12.73 -15.77
CA ALA B 232 -7.66 12.21 -16.37
C ALA B 232 -8.95 12.78 -15.79
N LEU B 233 -9.03 13.48 -14.65
CA LEU B 233 -10.34 13.92 -14.16
C LEU B 233 -11.17 14.76 -15.15
N HIS B 234 -10.59 15.76 -15.82
CA HIS B 234 -11.39 16.65 -16.63
C HIS B 234 -11.46 16.33 -18.10
N SER B 235 -11.16 15.10 -18.36
CA SER B 235 -11.06 14.60 -19.70
C SER B 235 -12.45 14.69 -20.28
N GLY B 236 -12.50 15.34 -21.42
CA GLY B 236 -13.75 15.50 -22.16
C GLY B 236 -14.58 16.71 -21.78
N GLU B 237 -14.22 17.48 -20.76
CA GLU B 237 -15.02 18.64 -20.47
C GLU B 237 -14.49 19.80 -21.27
N ILE B 238 -15.32 20.84 -21.49
CA ILE B 238 -14.82 22.09 -22.04
C ILE B 238 -14.74 22.92 -20.75
N LEU B 239 -13.57 23.28 -20.21
CA LEU B 239 -13.50 24.03 -18.95
C LEU B 239 -13.78 25.51 -19.20
N PRO B 240 -14.39 26.29 -18.30
CA PRO B 240 -14.52 27.72 -18.48
C PRO B 240 -13.21 28.39 -18.18
N TYR B 241 -13.08 29.46 -18.93
CA TYR B 241 -11.90 30.27 -18.82
C TYR B 241 -11.73 30.80 -17.40
N GLU B 242 -12.82 31.05 -16.69
CA GLU B 242 -12.72 31.62 -15.33
C GLU B 242 -12.27 30.59 -14.31
N ALA B 243 -12.39 29.30 -14.67
CA ALA B 243 -11.97 28.25 -13.79
C ALA B 243 -10.46 28.17 -13.77
N LEU B 244 -9.85 28.51 -14.90
CA LEU B 244 -8.42 28.41 -15.07
C LEU B 244 -7.62 29.40 -14.28
N PRO B 245 -6.48 29.09 -13.65
CA PRO B 245 -5.86 27.76 -13.54
C PRO B 245 -6.40 26.86 -12.43
N LEU B 246 -6.43 25.54 -12.71
CA LEU B 246 -6.84 24.57 -11.71
C LEU B 246 -5.52 24.16 -11.09
N ARG B 247 -5.40 24.33 -9.78
CA ARG B 247 -4.29 23.88 -8.95
C ARG B 247 -4.65 22.73 -7.98
N TYR B 248 -4.18 21.50 -8.20
CA TYR B 248 -4.50 20.31 -7.42
C TYR B 248 -3.28 19.80 -6.68
N ALA B 249 -3.40 19.36 -5.43
CA ALA B 249 -2.31 18.71 -4.73
C ALA B 249 -2.96 17.36 -4.47
N GLY B 250 -2.60 16.27 -5.15
CA GLY B 250 -3.18 14.96 -4.93
C GLY B 250 -2.29 14.03 -4.10
N TYR B 251 -2.81 13.35 -3.07
CA TYR B 251 -2.07 12.33 -2.36
C TYR B 251 -2.58 10.95 -2.81
N ALA B 252 -1.74 9.93 -2.85
CA ALA B 252 -2.10 8.54 -3.11
C ALA B 252 -0.87 7.65 -2.85
N PRO B 253 -1.01 6.41 -2.37
CA PRO B 253 0.01 5.39 -2.52
C PRO B 253 0.57 5.29 -3.94
N ALA B 254 1.85 4.95 -4.13
CA ALA B 254 2.47 4.93 -5.45
C ALA B 254 3.20 3.61 -5.63
N PHE B 255 3.13 3.01 -6.82
CA PHE B 255 3.72 1.70 -7.12
C PHE B 255 4.62 1.66 -8.37
N ARG B 256 5.78 1.00 -8.37
CA ARG B 256 6.58 0.83 -9.58
C ARG B 256 7.17 -0.57 -9.69
N SER B 257 7.33 -1.05 -10.94
CA SER B 257 7.86 -2.38 -11.17
C SER B 257 9.33 -2.51 -10.95
N GLU B 258 10.02 -1.37 -11.09
CA GLU B 258 11.45 -1.26 -10.96
C GLU B 258 12.18 -1.91 -12.10
N ALA B 259 11.67 -1.49 -13.26
CA ALA B 259 12.30 -1.86 -14.50
C ALA B 259 13.58 -1.01 -14.54
N GLY B 260 13.50 0.31 -14.24
CA GLY B 260 14.70 1.15 -14.14
C GLY B 260 15.55 0.73 -12.92
N SER B 261 16.51 -0.17 -13.03
CA SER B 261 17.28 -0.52 -11.86
C SER B 261 18.80 -0.48 -12.00
N PHE B 262 19.38 0.02 -10.92
CA PHE B 262 20.81 0.15 -10.75
C PHE B 262 21.27 -0.86 -9.72
N GLY B 263 22.56 -1.17 -9.73
CA GLY B 263 23.17 -1.99 -8.71
C GLY B 263 24.07 -1.03 -7.96
N LYS B 264 23.43 -0.09 -7.25
CA LYS B 264 24.08 0.99 -6.50
C LYS B 264 23.10 1.38 -5.40
N ASP B 265 23.06 2.61 -4.86
CA ASP B 265 22.07 2.92 -3.84
C ASP B 265 20.64 3.03 -4.41
N VAL B 266 20.08 1.84 -4.13
CA VAL B 266 18.70 1.40 -4.31
C VAL B 266 18.19 1.03 -2.91
N ARG B 267 19.13 0.41 -2.21
CA ARG B 267 18.99 -0.08 -0.86
C ARG B 267 18.47 0.95 0.14
N GLY B 268 17.86 0.37 1.15
CA GLY B 268 17.24 1.12 2.19
C GLY B 268 16.03 1.76 1.56
N LEU B 269 15.98 3.04 1.86
CA LEU B 269 14.87 3.87 1.50
C LEU B 269 14.93 4.45 0.10
N MET B 270 15.85 4.09 -0.80
CA MET B 270 15.99 4.80 -2.07
C MET B 270 15.16 4.32 -3.26
N ARG B 271 15.18 3.09 -3.84
CA ARG B 271 14.26 2.79 -4.92
C ARG B 271 13.42 1.63 -4.42
N VAL B 272 12.23 1.83 -3.84
CA VAL B 272 11.41 0.72 -3.35
C VAL B 272 10.18 0.62 -4.25
N HIS B 273 9.53 -0.54 -4.35
CA HIS B 273 8.39 -0.72 -5.23
C HIS B 273 7.13 0.05 -4.90
N GLN B 274 6.76 0.24 -3.63
CA GLN B 274 5.56 0.92 -3.23
C GLN B 274 6.01 2.03 -2.31
N PHE B 275 5.54 3.28 -2.47
CA PHE B 275 5.91 4.42 -1.65
C PHE B 275 4.75 5.45 -1.56
N HIS B 276 4.88 6.61 -0.89
CA HIS B 276 3.84 7.61 -0.70
C HIS B 276 4.19 8.94 -1.38
N LYS B 277 3.34 9.54 -2.20
CA LYS B 277 3.69 10.72 -2.94
C LYS B 277 2.71 11.85 -2.74
N VAL B 278 3.07 13.13 -2.61
CA VAL B 278 2.08 14.22 -2.70
C VAL B 278 2.48 15.00 -3.97
N GLU B 279 1.68 15.05 -5.03
CA GLU B 279 1.97 15.67 -6.31
C GLU B 279 1.26 17.01 -6.49
N GLN B 280 1.84 18.00 -7.16
CA GLN B 280 1.23 19.29 -7.46
C GLN B 280 0.86 19.21 -8.92
N TYR B 281 -0.30 19.68 -9.40
CA TYR B 281 -0.72 19.59 -10.78
C TYR B 281 -1.45 20.88 -11.15
N VAL B 282 -1.14 21.56 -12.27
CA VAL B 282 -1.76 22.82 -12.66
C VAL B 282 -2.24 22.62 -14.08
N LEU B 283 -3.44 23.05 -14.39
CA LEU B 283 -4.01 22.95 -15.71
C LEU B 283 -4.17 24.45 -15.99
N THR B 284 -3.66 24.99 -17.11
CA THR B 284 -3.68 26.42 -17.32
C THR B 284 -4.02 26.76 -18.75
N GLU B 285 -4.31 28.05 -18.96
CA GLU B 285 -4.64 28.49 -20.31
C GLU B 285 -3.45 28.39 -21.25
N ALA B 286 -3.79 28.29 -22.54
CA ALA B 286 -2.75 28.08 -23.51
C ALA B 286 -1.93 29.30 -23.91
N SER B 287 -1.00 29.74 -23.06
CA SER B 287 -0.06 30.77 -23.41
C SER B 287 1.23 30.54 -22.66
N LEU B 288 2.41 30.74 -23.28
CA LEU B 288 3.67 30.57 -22.57
C LEU B 288 3.82 31.50 -21.39
N GLU B 289 3.25 32.69 -21.42
CA GLU B 289 3.37 33.60 -20.28
C GLU B 289 2.64 32.90 -19.12
N ALA B 290 1.52 32.23 -19.43
CA ALA B 290 0.71 31.51 -18.46
C ALA B 290 1.49 30.35 -17.90
N SER B 291 2.07 29.54 -18.78
CA SER B 291 2.84 28.37 -18.39
C SER B 291 4.08 28.78 -17.62
N ASP B 292 4.73 29.87 -17.94
CA ASP B 292 6.00 30.15 -17.31
C ASP B 292 5.76 30.60 -15.90
N ARG B 293 4.64 31.28 -15.70
CA ARG B 293 4.25 31.73 -14.39
C ARG B 293 3.92 30.55 -13.45
N ALA B 294 3.24 29.53 -13.96
CA ALA B 294 2.91 28.35 -13.19
C ALA B 294 4.17 27.51 -12.93
N PHE B 295 5.07 27.36 -13.91
CA PHE B 295 6.34 26.64 -13.69
C PHE B 295 7.11 27.28 -12.55
N GLN B 296 7.12 28.61 -12.52
CA GLN B 296 7.81 29.34 -11.49
C GLN B 296 7.18 29.04 -10.13
N GLU B 297 5.85 28.92 -10.06
CA GLU B 297 5.16 28.71 -8.80
C GLU B 297 5.48 27.37 -8.21
N LEU B 298 5.44 26.38 -9.09
CA LEU B 298 5.72 25.00 -8.74
C LEU B 298 7.08 24.91 -8.14
N LEU B 299 8.04 25.57 -8.76
CA LEU B 299 9.41 25.53 -8.27
C LEU B 299 9.51 26.20 -6.93
N GLU B 300 8.91 27.37 -6.66
CA GLU B 300 9.04 28.00 -5.36
C GLU B 300 8.45 27.15 -4.26
N ASN B 301 7.39 26.41 -4.59
CA ASN B 301 6.72 25.53 -3.64
C ASN B 301 7.64 24.47 -3.14
N ALA B 302 8.19 23.73 -4.10
CA ALA B 302 9.17 22.70 -3.79
C ALA B 302 10.36 23.27 -3.06
N GLU B 303 10.90 24.45 -3.42
CA GLU B 303 12.02 25.01 -2.66
C GLU B 303 11.60 25.42 -1.25
N GLU B 304 10.39 25.93 -1.06
CA GLU B 304 9.96 26.34 0.25
C GLU B 304 9.87 25.16 1.21
N ILE B 305 9.33 24.00 0.78
CA ILE B 305 9.16 22.84 1.65
C ILE B 305 10.52 22.44 2.18
N LEU B 306 11.52 22.44 1.27
CA LEU B 306 12.89 22.06 1.55
C LEU B 306 13.57 23.06 2.47
N ARG B 307 13.19 24.32 2.38
CA ARG B 307 13.72 25.32 3.28
C ARG B 307 13.17 24.99 4.65
N LEU B 308 11.84 24.70 4.79
CA LEU B 308 11.22 24.34 6.05
C LEU B 308 11.76 23.04 6.65
N LEU B 309 12.04 22.06 5.79
CA LEU B 309 12.64 20.78 6.16
C LEU B 309 14.15 20.85 6.55
N GLU B 310 14.86 21.92 6.14
CA GLU B 310 16.23 22.25 6.49
C GLU B 310 17.29 21.35 5.89
N LEU B 311 17.18 21.25 4.58
CA LEU B 311 18.07 20.42 3.83
C LEU B 311 18.82 21.25 2.75
N PRO B 312 20.13 20.97 2.50
CA PRO B 312 20.87 21.52 1.40
C PRO B 312 20.34 21.05 0.09
N TYR B 313 20.06 21.93 -0.88
CA TYR B 313 19.65 21.44 -2.20
C TYR B 313 20.23 22.22 -3.37
N ARG B 314 19.86 21.88 -4.63
CA ARG B 314 20.29 22.62 -5.80
C ARG B 314 19.45 22.31 -7.04
N LEU B 315 19.35 23.25 -7.98
CA LEU B 315 18.49 23.13 -9.13
C LEU B 315 19.28 22.82 -10.40
N VAL B 316 18.86 21.91 -11.26
CA VAL B 316 19.57 21.43 -12.42
C VAL B 316 18.75 21.59 -13.68
N GLU B 317 19.14 22.39 -14.66
CA GLU B 317 18.46 22.43 -15.94
C GLU B 317 18.68 21.09 -16.60
N VAL B 318 17.64 20.47 -17.08
CA VAL B 318 17.81 19.12 -17.62
C VAL B 318 17.94 19.23 -19.13
N ALA B 319 18.86 18.43 -19.68
CA ALA B 319 19.22 18.46 -21.09
C ALA B 319 18.20 17.75 -21.95
N THR B 320 18.11 18.12 -23.22
CA THR B 320 17.11 17.60 -24.12
C THR B 320 17.08 16.09 -24.22
N GLY B 321 18.27 15.47 -24.17
CA GLY B 321 18.41 14.03 -24.26
C GLY B 321 18.06 13.33 -22.95
N ASP B 322 17.92 14.05 -21.85
CA ASP B 322 17.53 13.43 -20.60
C ASP B 322 16.05 13.76 -20.20
N MET B 323 15.34 14.58 -21.00
CA MET B 323 13.97 15.06 -20.73
C MET B 323 12.79 14.13 -20.90
N GLY B 324 12.80 13.32 -21.93
CA GLY B 324 11.60 12.55 -22.16
C GLY B 324 10.73 13.31 -23.17
N PRO B 325 10.00 12.53 -23.97
CA PRO B 325 9.49 12.95 -25.26
C PRO B 325 8.55 14.15 -25.22
N GLY B 326 7.70 14.27 -24.22
CA GLY B 326 6.69 15.30 -24.28
C GLY B 326 6.98 16.53 -23.51
N LYS B 327 8.21 16.69 -23.03
CA LYS B 327 8.55 17.81 -22.21
C LYS B 327 8.95 19.04 -22.96
N TRP B 328 8.65 20.18 -22.40
CA TRP B 328 9.08 21.46 -22.92
C TRP B 328 10.26 21.87 -22.08
N ARG B 329 10.19 21.69 -20.77
CA ARG B 329 11.24 22.15 -19.89
C ARG B 329 11.23 21.28 -18.64
N GLN B 330 12.35 20.93 -18.02
CA GLN B 330 12.38 20.17 -16.81
C GLN B 330 13.53 20.65 -15.96
N VAL B 331 13.32 20.95 -14.69
CA VAL B 331 14.38 21.33 -13.78
C VAL B 331 14.37 20.24 -12.72
N ASP B 332 15.46 19.74 -12.19
CA ASP B 332 15.39 18.83 -11.07
C ASP B 332 15.83 19.48 -9.79
N ILE B 333 15.26 19.22 -8.62
CA ILE B 333 15.81 19.71 -7.38
C ILE B 333 16.47 18.44 -6.85
N GLU B 334 17.67 18.57 -6.28
CA GLU B 334 18.42 17.45 -5.72
C GLU B 334 18.89 17.84 -4.34
N VAL B 335 19.03 16.89 -3.44
CA VAL B 335 19.33 17.23 -2.07
C VAL B 335 20.63 16.50 -1.77
N TYR B 336 21.43 17.07 -0.90
CA TYR B 336 22.74 16.52 -0.62
C TYR B 336 22.64 15.35 0.32
N LEU B 337 23.28 14.26 -0.08
CA LEU B 337 23.40 13.03 0.69
C LEU B 337 24.82 12.87 1.23
N PRO B 338 25.16 13.37 2.44
CA PRO B 338 26.42 13.20 3.17
C PRO B 338 27.24 11.94 2.92
N SER B 339 26.79 10.74 3.32
CA SER B 339 27.49 9.47 3.12
C SER B 339 27.93 9.25 1.68
N GLU B 340 27.06 9.46 0.69
CA GLU B 340 27.45 9.35 -0.70
C GLU B 340 28.28 10.54 -1.16
N GLY B 341 28.28 11.62 -0.39
CA GLY B 341 28.99 12.83 -0.71
C GLY B 341 28.42 13.47 -1.96
N ARG B 342 27.15 13.34 -2.41
CA ARG B 342 26.70 13.92 -3.68
C ARG B 342 25.26 14.37 -3.62
N TYR B 343 24.60 14.89 -4.67
CA TYR B 343 23.23 15.39 -4.58
C TYR B 343 22.33 14.41 -5.30
N ARG B 344 21.23 13.97 -4.68
CA ARG B 344 20.31 12.99 -5.27
C ARG B 344 18.98 13.64 -5.53
N GLU B 345 18.29 13.27 -6.60
CA GLU B 345 17.01 13.87 -6.96
C GLU B 345 15.95 13.70 -5.90
N THR B 346 15.22 14.76 -5.58
CA THR B 346 14.05 14.52 -4.80
C THR B 346 12.85 15.14 -5.46
N HIS B 347 12.90 15.93 -6.56
CA HIS B 347 11.74 16.56 -7.20
C HIS B 347 11.94 16.77 -8.71
N SER B 348 11.03 16.68 -9.70
CA SER B 348 11.26 17.08 -11.09
C SER B 348 10.14 17.92 -11.67
N CYS B 349 10.40 19.23 -11.80
CA CYS B 349 9.43 20.20 -12.25
C CYS B 349 9.26 20.13 -13.73
N SER B 350 8.11 20.03 -14.39
CA SER B 350 8.08 19.84 -15.83
C SER B 350 6.95 20.61 -16.47
N ALA B 351 7.16 21.22 -17.64
CA ALA B 351 6.11 21.85 -18.41
C ALA B 351 5.98 21.01 -19.65
N LEU B 352 4.81 20.70 -20.18
CA LEU B 352 4.62 19.85 -21.35
C LEU B 352 3.66 20.51 -22.33
N LEU B 353 3.28 21.77 -22.01
CA LEU B 353 2.36 22.55 -22.81
C LEU B 353 1.13 21.70 -23.15
N ASP B 354 0.80 21.52 -24.43
CA ASP B 354 -0.43 20.84 -24.78
C ASP B 354 -0.23 19.41 -25.24
N TRP B 355 0.97 18.89 -24.98
CA TRP B 355 1.29 17.55 -25.39
C TRP B 355 0.37 16.52 -24.73
N GLN B 356 0.10 16.61 -23.43
CA GLN B 356 -0.70 15.56 -22.86
C GLN B 356 -2.12 16.04 -22.90
N ALA B 357 -2.46 17.35 -22.86
CA ALA B 357 -3.85 17.79 -23.05
C ALA B 357 -4.41 17.25 -24.38
N ARG B 358 -3.67 17.17 -25.47
CA ARG B 358 -4.15 16.49 -26.66
C ARG B 358 -4.29 14.98 -26.53
N ARG B 359 -3.71 14.28 -25.55
CA ARG B 359 -3.91 12.82 -25.40
C ARG B 359 -5.13 12.57 -24.52
N ALA B 360 -5.20 13.27 -23.41
CA ALA B 360 -6.32 13.22 -22.51
C ALA B 360 -7.54 14.08 -22.89
N ASN B 361 -7.57 14.79 -24.04
CA ASN B 361 -8.70 15.68 -24.44
C ASN B 361 -9.09 16.81 -23.47
N LEU B 362 -8.09 17.41 -22.84
CA LEU B 362 -8.26 18.49 -21.89
C LEU B 362 -8.42 19.80 -22.69
N ARG B 363 -9.60 20.45 -22.64
CA ARG B 363 -9.95 21.66 -23.36
C ARG B 363 -10.55 22.75 -22.50
N TYR B 364 -10.52 24.01 -22.95
CA TYR B 364 -11.18 25.10 -22.27
C TYR B 364 -11.81 25.98 -23.34
N ARG B 365 -12.60 26.94 -22.90
CA ARG B 365 -13.25 27.87 -23.79
C ARG B 365 -12.67 29.22 -23.43
N ASP B 366 -11.90 29.67 -24.42
CA ASP B 366 -11.15 30.89 -24.42
C ASP B 366 -12.07 32.09 -24.49
N PRO B 367 -11.74 33.32 -24.09
CA PRO B 367 -12.69 34.43 -24.00
C PRO B 367 -13.36 34.88 -25.31
N GLU B 368 -12.74 34.61 -26.46
CA GLU B 368 -13.39 34.90 -27.72
C GLU B 368 -14.48 33.87 -28.01
N GLY B 369 -14.57 32.78 -27.24
CA GLY B 369 -15.46 31.70 -27.55
C GLY B 369 -14.70 30.65 -28.35
N ARG B 370 -13.36 30.75 -28.43
CA ARG B 370 -12.56 29.75 -29.14
C ARG B 370 -12.36 28.59 -28.20
N VAL B 371 -12.51 27.34 -28.62
CA VAL B 371 -12.24 26.23 -27.71
C VAL B 371 -10.81 25.79 -27.96
N ARG B 372 -9.98 25.77 -26.92
CA ARG B 372 -8.59 25.39 -27.09
C ARG B 372 -8.14 24.27 -26.13
N TYR B 373 -7.15 23.48 -26.55
CA TYR B 373 -6.51 22.49 -25.70
C TYR B 373 -5.78 23.21 -24.58
N ALA B 374 -5.73 22.77 -23.34
CA ALA B 374 -5.02 23.57 -22.34
C ALA B 374 -3.57 23.14 -22.19
N TYR B 375 -2.81 23.82 -21.32
CA TYR B 375 -1.42 23.49 -21.00
C TYR B 375 -1.33 22.84 -19.63
N THR B 376 -0.51 21.81 -19.41
CA THR B 376 -0.39 21.18 -18.09
C THR B 376 1.01 21.23 -17.48
N LEU B 377 1.16 21.23 -16.17
CA LEU B 377 2.46 21.21 -15.49
C LEU B 377 2.38 20.39 -14.20
N ASN B 378 3.48 19.87 -13.70
CA ASN B 378 3.46 19.10 -12.48
C ASN B 378 4.78 19.16 -11.81
N ASN B 379 4.79 19.01 -10.48
CA ASN B 379 6.02 18.93 -9.69
C ASN B 379 5.74 18.17 -8.40
N THR B 380 6.63 17.39 -7.81
CA THR B 380 6.45 16.70 -6.55
C THR B 380 6.34 17.76 -5.51
N ALA B 381 5.55 17.58 -4.45
CA ALA B 381 5.63 18.47 -3.30
C ALA B 381 6.53 17.66 -2.38
N LEU B 382 6.24 16.41 -1.97
CA LEU B 382 7.15 15.57 -1.13
C LEU B 382 6.76 14.11 -1.33
N ALA B 383 7.69 13.17 -1.25
CA ALA B 383 7.43 11.74 -1.40
C ALA B 383 8.24 10.97 -0.35
N THR B 384 7.73 9.99 0.39
CA THR B 384 8.51 9.30 1.42
C THR B 384 8.68 7.91 0.83
N PRO B 385 9.67 7.06 1.10
CA PRO B 385 10.74 7.29 2.05
C PRO B 385 12.02 7.89 1.55
N ARG B 386 12.22 8.28 0.29
CA ARG B 386 13.52 8.80 -0.14
C ARG B 386 13.97 9.97 0.69
N ILE B 387 13.04 10.91 0.84
CA ILE B 387 13.32 12.08 1.61
C ILE B 387 13.79 11.76 3.01
N LEU B 388 13.48 10.58 3.53
CA LEU B 388 13.90 10.25 4.88
C LEU B 388 15.39 9.91 4.85
N ALA B 389 15.92 9.32 3.76
CA ALA B 389 17.34 9.04 3.80
C ALA B 389 18.13 10.37 3.92
N MET B 390 17.76 11.42 3.19
CA MET B 390 18.48 12.66 3.32
C MET B 390 18.21 13.27 4.71
N LEU B 391 16.96 13.35 5.19
CA LEU B 391 16.64 13.92 6.51
C LEU B 391 17.43 13.29 7.64
N LEU B 392 17.55 11.97 7.69
CA LEU B 392 18.30 11.29 8.73
C LEU B 392 19.80 11.53 8.69
N GLU B 393 20.48 11.52 7.52
CA GLU B 393 21.92 11.72 7.50
C GLU B 393 22.22 13.17 7.80
N ASN B 394 21.52 14.05 7.10
CA ASN B 394 21.76 15.46 7.33
C ASN B 394 21.43 15.82 8.75
N HIS B 395 20.43 15.26 9.46
CA HIS B 395 20.20 15.76 10.81
C HIS B 395 20.70 14.83 11.95
N GLN B 396 21.61 13.87 11.76
CA GLN B 396 22.09 13.01 12.84
C GLN B 396 22.85 13.73 13.97
N LEU B 397 22.74 13.29 15.22
CA LEU B 397 23.44 13.87 16.36
C LEU B 397 24.63 13.01 16.74
N GLN B 398 25.49 13.50 17.66
CA GLN B 398 26.67 12.78 18.15
C GLN B 398 26.40 11.32 18.48
N ASP B 399 25.28 11.13 19.21
CA ASP B 399 24.78 9.85 19.70
C ASP B 399 23.87 9.06 18.75
N GLY B 400 23.82 9.31 17.45
CA GLY B 400 22.98 8.52 16.57
C GLY B 400 21.52 8.88 16.64
N ARG B 401 21.01 9.69 17.56
CA ARG B 401 19.60 10.09 17.47
C ARG B 401 19.51 11.16 16.40
N VAL B 402 18.33 11.51 15.87
CA VAL B 402 18.17 12.52 14.82
C VAL B 402 17.34 13.66 15.36
N ARG B 403 17.56 14.92 14.98
CA ARG B 403 16.75 16.06 15.46
C ARG B 403 15.63 16.35 14.47
N VAL B 404 14.58 17.08 14.85
CA VAL B 404 13.42 17.36 13.99
C VAL B 404 13.44 18.82 13.61
N PRO B 405 13.37 19.20 12.33
CA PRO B 405 13.37 20.58 11.91
C PRO B 405 12.25 21.31 12.63
N GLN B 406 12.45 22.57 13.01
CA GLN B 406 11.44 23.32 13.74
C GLN B 406 10.01 23.23 13.23
N ALA B 407 9.89 23.28 11.90
CA ALA B 407 8.62 23.23 11.22
C ALA B 407 7.82 21.95 11.40
N LEU B 408 8.45 20.85 11.84
CA LEU B 408 7.77 19.60 12.10
C LEU B 408 7.58 19.18 13.56
N ILE B 409 8.18 19.91 14.50
CA ILE B 409 7.98 19.67 15.89
C ILE B 409 6.49 19.64 16.18
N PRO B 410 5.58 20.51 15.76
CA PRO B 410 4.15 20.31 15.79
C PRO B 410 3.63 18.92 15.45
N TYR B 411 3.92 18.46 14.23
CA TYR B 411 3.39 17.20 13.73
C TYR B 411 3.95 15.99 14.44
N MET B 412 5.11 16.16 15.05
CA MET B 412 5.72 15.09 15.80
C MET B 412 5.54 15.13 17.31
N GLY B 413 5.44 16.31 17.92
CA GLY B 413 5.33 16.44 19.35
C GLY B 413 6.66 16.37 20.07
N LYS B 414 7.74 15.98 19.42
CA LYS B 414 9.01 15.89 20.12
C LYS B 414 10.06 16.54 19.23
N GLU B 415 11.20 16.88 19.84
CA GLU B 415 12.28 17.56 19.13
C GLU B 415 13.30 16.60 18.58
N VAL B 416 13.46 15.41 19.15
CA VAL B 416 14.49 14.47 18.77
C VAL B 416 13.80 13.14 18.61
N LEU B 417 14.17 12.38 17.59
CA LEU B 417 13.62 11.07 17.39
C LEU B 417 14.46 10.15 18.24
N GLU B 418 13.69 9.46 19.09
CA GLU B 418 14.15 8.50 20.08
C GLU B 418 14.27 7.09 19.52
N PRO B 419 15.16 6.22 20.06
CA PRO B 419 15.35 4.82 19.72
C PRO B 419 14.21 3.92 20.15
N CYS B 420 14.17 2.71 19.59
CA CYS B 420 13.11 1.77 19.87
C CYS B 420 13.79 0.42 20.04
N GLY B 421 13.15 -0.65 19.58
CA GLY B 421 13.66 -2.01 19.65
C GLY B 421 12.84 -2.80 18.64
N MET C 1 -4.04 -24.41 10.96
CA MET C 1 -3.72 -25.80 10.85
C MET C 1 -3.85 -26.29 12.28
N VAL C 2 -4.17 -27.58 12.40
CA VAL C 2 -4.54 -28.20 13.67
C VAL C 2 -3.49 -29.18 14.14
N ASP C 3 -3.45 -29.57 15.42
CA ASP C 3 -2.47 -30.56 15.83
C ASP C 3 -2.91 -31.94 15.32
N LEU C 4 -2.12 -32.50 14.41
CA LEU C 4 -2.43 -33.79 13.79
C LEU C 4 -2.58 -34.92 14.81
N LYS C 5 -1.84 -34.89 15.92
CA LYS C 5 -2.01 -35.87 16.96
C LYS C 5 -3.35 -35.70 17.64
N ARG C 6 -3.71 -34.51 18.09
CA ARG C 6 -5.05 -34.27 18.59
C ARG C 6 -6.04 -34.71 17.56
N LEU C 7 -5.83 -34.50 16.29
CA LEU C 7 -6.82 -34.87 15.29
C LEU C 7 -7.01 -36.39 15.22
N ARG C 8 -5.92 -37.11 15.51
CA ARG C 8 -5.90 -38.55 15.47
C ARG C 8 -6.63 -38.99 16.70
N GLN C 9 -6.40 -38.46 17.88
CA GLN C 9 -7.11 -38.94 19.05
C GLN C 9 -8.43 -38.26 19.44
N GLU C 10 -8.93 -37.15 18.89
CA GLU C 10 -10.22 -36.60 19.28
C GLU C 10 -11.08 -36.28 18.07
N PRO C 11 -11.27 -37.14 17.08
CA PRO C 11 -11.78 -36.78 15.76
C PRO C 11 -13.18 -36.28 15.82
N GLU C 12 -13.93 -36.76 16.78
CA GLU C 12 -15.28 -36.30 17.05
C GLU C 12 -15.31 -34.80 17.32
N VAL C 13 -14.33 -34.17 18.02
CA VAL C 13 -14.39 -32.74 18.34
C VAL C 13 -14.32 -31.95 17.07
N PHE C 14 -13.39 -32.40 16.23
CA PHE C 14 -13.17 -31.85 14.91
C PHE C 14 -14.34 -32.03 14.00
N HIS C 15 -14.93 -33.20 14.08
CA HIS C 15 -16.05 -33.53 13.23
C HIS C 15 -17.23 -32.64 13.52
N ARG C 16 -17.47 -32.33 14.79
CA ARG C 16 -18.55 -31.46 15.19
C ARG C 16 -18.24 -30.08 14.64
N ALA C 17 -17.01 -29.59 14.88
CA ALA C 17 -16.53 -28.31 14.39
C ALA C 17 -16.80 -28.10 12.89
N ILE C 18 -16.47 -29.12 12.09
CA ILE C 18 -16.72 -29.05 10.69
C ILE C 18 -18.18 -28.78 10.40
N ARG C 19 -19.07 -29.48 11.05
CA ARG C 19 -20.48 -29.38 10.75
C ARG C 19 -21.02 -28.04 11.23
N GLU C 20 -20.62 -27.68 12.43
CA GLU C 20 -21.11 -26.49 13.08
C GLU C 20 -20.52 -25.17 12.54
N LYS C 21 -19.41 -25.23 11.77
CA LYS C 21 -18.83 -24.06 11.13
C LYS C 21 -19.06 -24.08 9.62
N GLY C 22 -19.84 -25.06 9.17
CA GLY C 22 -20.24 -25.16 7.79
C GLY C 22 -19.13 -25.50 6.81
N VAL C 23 -18.06 -26.14 7.24
CA VAL C 23 -16.93 -26.40 6.37
C VAL C 23 -17.20 -27.66 5.55
N ALA C 24 -16.85 -27.75 4.27
CA ALA C 24 -17.11 -28.95 3.47
C ALA C 24 -15.93 -29.92 3.44
N LEU C 25 -15.64 -30.62 4.54
CA LEU C 25 -14.48 -31.50 4.57
C LEU C 25 -14.89 -32.92 4.92
N ASP C 26 -14.27 -33.93 4.29
CA ASP C 26 -14.57 -35.31 4.64
C ASP C 26 -13.48 -35.82 5.55
N LEU C 27 -13.60 -35.54 6.82
CA LEU C 27 -12.56 -35.91 7.75
C LEU C 27 -12.20 -37.41 7.75
N GLU C 28 -13.11 -38.34 7.36
CA GLU C 28 -12.73 -39.75 7.35
C GLU C 28 -11.83 -40.08 6.18
N ALA C 29 -11.88 -39.40 5.03
CA ALA C 29 -10.88 -39.63 3.97
C ALA C 29 -9.52 -39.06 4.39
N LEU C 30 -9.48 -37.89 5.04
CA LEU C 30 -8.23 -37.29 5.48
C LEU C 30 -7.58 -38.25 6.47
N LEU C 31 -8.29 -38.68 7.51
CA LEU C 31 -7.82 -39.69 8.44
C LEU C 31 -7.26 -40.95 7.78
N ALA C 32 -7.81 -41.38 6.65
CA ALA C 32 -7.35 -42.53 5.91
C ALA C 32 -6.04 -42.24 5.19
N LEU C 33 -5.97 -41.11 4.47
CA LEU C 33 -4.76 -40.75 3.77
C LEU C 33 -3.66 -40.62 4.81
N ASP C 34 -3.99 -40.11 5.98
CA ASP C 34 -3.03 -39.98 7.07
C ASP C 34 -2.53 -41.36 7.47
N ARG C 35 -3.33 -42.42 7.53
CA ARG C 35 -2.82 -43.74 7.87
C ARG C 35 -1.87 -44.22 6.77
N GLU C 36 -2.15 -43.93 5.49
CA GLU C 36 -1.29 -44.29 4.39
C GLU C 36 0.07 -43.63 4.41
N VAL C 37 0.07 -42.31 4.56
CA VAL C 37 1.29 -41.55 4.53
C VAL C 37 2.11 -42.02 5.69
N GLN C 38 1.54 -42.21 6.87
CA GLN C 38 2.38 -42.54 8.01
C GLN C 38 2.96 -43.96 7.88
N GLU C 39 2.39 -44.83 7.05
CA GLU C 39 2.98 -46.17 6.91
C GLU C 39 4.13 -46.20 5.90
N LEU C 40 3.88 -45.46 4.82
CA LEU C 40 4.83 -45.34 3.78
C LEU C 40 6.04 -44.57 4.36
N LYS C 41 5.91 -43.64 5.29
CA LYS C 41 7.07 -43.07 5.93
C LYS C 41 7.84 -44.17 6.66
N LYS C 42 7.21 -45.06 7.42
CA LYS C 42 7.95 -46.10 8.15
C LYS C 42 8.64 -47.07 7.19
N ARG C 43 8.06 -47.41 6.03
CA ARG C 43 8.70 -48.28 5.06
C ARG C 43 9.99 -47.62 4.66
N LEU C 44 9.90 -46.36 4.21
CA LEU C 44 11.04 -45.65 3.70
C LEU C 44 12.11 -45.50 4.76
N GLN C 45 11.81 -45.36 6.05
CA GLN C 45 12.87 -45.27 7.07
C GLN C 45 13.61 -46.62 7.17
N GLU C 46 12.96 -47.75 6.80
CA GLU C 46 13.60 -49.07 6.80
C GLU C 46 14.69 -49.07 5.72
N VAL C 47 14.28 -48.64 4.53
CA VAL C 47 15.21 -48.62 3.43
C VAL C 47 16.37 -47.68 3.75
N GLN C 48 16.12 -46.53 4.38
CA GLN C 48 17.18 -45.57 4.63
C GLN C 48 18.13 -45.94 5.71
N THR C 49 17.66 -46.64 6.73
CA THR C 49 18.56 -47.18 7.74
C THR C 49 19.52 -48.16 7.04
N GLU C 50 19.09 -48.93 6.04
CA GLU C 50 19.98 -49.86 5.35
C GLU C 50 21.08 -49.18 4.60
N ARG C 51 20.69 -48.25 3.72
CA ARG C 51 21.59 -47.40 2.95
C ARG C 51 22.60 -46.79 3.90
N ASN C 52 22.19 -46.41 5.09
CA ASN C 52 23.14 -45.83 6.00
C ASN C 52 24.10 -46.82 6.61
N GLN C 53 23.83 -48.12 6.77
CA GLN C 53 24.87 -49.03 7.22
C GLN C 53 25.83 -49.32 6.07
N VAL C 54 25.29 -49.67 4.88
CA VAL C 54 26.11 -49.97 3.70
C VAL C 54 27.03 -48.78 3.42
N ALA C 55 26.56 -47.58 3.10
CA ALA C 55 27.43 -46.44 2.88
C ALA C 55 28.49 -46.26 3.96
N LYS C 56 28.29 -46.66 5.21
CA LYS C 56 29.33 -46.49 6.23
C LYS C 56 30.40 -47.56 6.13
N ARG C 57 30.02 -48.74 5.66
CA ARG C 57 30.93 -49.86 5.57
C ARG C 57 31.63 -49.97 4.23
N VAL C 58 31.44 -49.07 3.26
CA VAL C 58 32.18 -49.17 2.02
C VAL C 58 33.63 -48.85 2.34
N PRO C 59 33.94 -47.79 3.13
CA PRO C 59 35.29 -47.59 3.63
C PRO C 59 35.43 -48.82 4.55
N LYS C 60 36.63 -49.24 4.92
CA LYS C 60 36.86 -50.41 5.79
C LYS C 60 36.58 -51.74 5.10
N ALA C 61 35.58 -51.92 4.24
CA ALA C 61 35.38 -53.18 3.55
C ALA C 61 36.51 -53.56 2.60
N PRO C 62 37.03 -54.81 2.63
CA PRO C 62 38.12 -55.32 1.76
C PRO C 62 37.80 -55.23 0.26
N PRO C 63 38.67 -54.84 -0.70
CA PRO C 63 38.39 -54.84 -2.14
C PRO C 63 38.11 -56.25 -2.61
N GLU C 64 36.86 -56.59 -2.34
CA GLU C 64 36.23 -57.89 -2.50
C GLU C 64 34.81 -57.56 -2.03
N GLU C 65 34.67 -57.34 -0.70
CA GLU C 65 33.41 -56.94 -0.06
C GLU C 65 32.95 -55.64 -0.65
N LYS C 66 33.89 -54.70 -0.69
CA LYS C 66 33.67 -53.35 -1.15
C LYS C 66 32.91 -53.29 -2.46
N GLU C 67 33.18 -54.19 -3.40
CA GLU C 67 32.46 -54.12 -4.65
C GLU C 67 31.06 -54.74 -4.57
N ALA C 68 30.82 -55.61 -3.60
CA ALA C 68 29.50 -56.19 -3.37
C ALA C 68 28.61 -55.13 -2.74
N LEU C 69 29.15 -54.52 -1.69
CA LEU C 69 28.51 -53.45 -0.97
C LEU C 69 28.04 -52.34 -1.91
N ILE C 70 28.86 -51.82 -2.82
CA ILE C 70 28.43 -50.80 -3.75
C ILE C 70 27.24 -51.24 -4.62
N ALA C 71 27.13 -52.49 -5.10
CA ALA C 71 25.98 -52.92 -5.91
C ALA C 71 24.68 -52.92 -5.11
N ARG C 72 24.84 -53.15 -3.80
CA ARG C 72 23.74 -53.14 -2.87
C ARG C 72 23.38 -51.70 -2.53
N GLY C 73 24.32 -50.83 -2.10
CA GLY C 73 24.08 -49.43 -1.81
C GLY C 73 23.36 -48.74 -2.95
N LYS C 74 23.72 -49.18 -4.15
CA LYS C 74 23.09 -48.66 -5.34
C LYS C 74 21.65 -49.14 -5.44
N ALA C 75 21.28 -50.41 -5.25
CA ALA C 75 19.87 -50.84 -5.36
C ALA C 75 18.98 -50.25 -4.27
N LEU C 76 19.53 -50.10 -3.07
CA LEU C 76 18.84 -49.48 -1.98
C LEU C 76 18.57 -48.02 -2.28
N GLY C 77 19.48 -47.29 -2.94
CA GLY C 77 19.26 -45.91 -3.31
C GLY C 77 18.08 -45.85 -4.26
N GLU C 78 18.06 -46.64 -5.32
CA GLU C 78 16.95 -46.60 -6.27
C GLU C 78 15.58 -46.91 -5.68
N GLU C 79 15.52 -47.67 -4.59
CA GLU C 79 14.27 -48.01 -3.96
C GLU C 79 13.79 -46.81 -3.19
N ALA C 80 14.66 -46.24 -2.35
CA ALA C 80 14.32 -45.05 -1.58
C ALA C 80 13.81 -43.95 -2.48
N LYS C 81 14.30 -43.81 -3.70
CA LYS C 81 13.87 -42.76 -4.58
C LYS C 81 12.45 -43.06 -4.97
N ARG C 82 12.15 -44.29 -5.36
CA ARG C 82 10.80 -44.72 -5.69
C ARG C 82 9.86 -44.41 -4.53
N LEU C 83 10.31 -44.71 -3.30
CA LEU C 83 9.47 -44.48 -2.17
C LEU C 83 9.31 -42.99 -1.97
N GLU C 84 10.35 -42.18 -2.14
CA GLU C 84 10.22 -40.75 -1.93
C GLU C 84 9.23 -40.13 -2.88
N GLU C 85 9.27 -40.44 -4.16
CA GLU C 85 8.32 -39.83 -5.07
C GLU C 85 6.88 -40.13 -4.67
N ALA C 86 6.66 -41.35 -4.20
CA ALA C 86 5.31 -41.80 -3.88
C ALA C 86 4.80 -41.10 -2.63
N LEU C 87 5.70 -40.91 -1.67
CA LEU C 87 5.37 -40.17 -0.47
C LEU C 87 5.21 -38.70 -0.84
N ARG C 88 5.88 -38.13 -1.84
CA ARG C 88 5.67 -36.75 -2.21
C ARG C 88 4.22 -36.60 -2.64
N GLU C 89 3.75 -37.41 -3.57
CA GLU C 89 2.41 -37.30 -4.09
C GLU C 89 1.32 -37.36 -3.02
N LYS C 90 1.46 -38.20 -1.97
CA LYS C 90 0.43 -38.36 -0.95
C LYS C 90 0.51 -37.25 0.06
N GLU C 91 1.71 -36.88 0.56
CA GLU C 91 1.86 -35.81 1.53
C GLU C 91 1.32 -34.52 0.97
N ALA C 92 1.64 -34.25 -0.29
CA ALA C 92 1.15 -33.08 -1.00
C ALA C 92 -0.37 -33.01 -0.87
N ARG C 93 -1.00 -34.11 -1.27
CA ARG C 93 -2.43 -34.16 -1.26
C ARG C 93 -2.90 -34.10 0.18
N LEU C 94 -2.21 -34.66 1.16
CA LEU C 94 -2.73 -34.59 2.50
C LEU C 94 -2.66 -33.15 2.98
N GLU C 95 -1.63 -32.36 2.62
CA GLU C 95 -1.46 -30.97 3.07
C GLU C 95 -2.55 -30.07 2.56
N ALA C 96 -3.07 -30.37 1.38
CA ALA C 96 -4.22 -29.65 0.86
C ALA C 96 -5.43 -29.84 1.77
N LEU C 97 -5.68 -31.05 2.25
CA LEU C 97 -6.81 -31.37 3.09
C LEU C 97 -6.65 -30.71 4.46
N LEU C 98 -5.50 -30.85 5.08
CA LEU C 98 -5.15 -30.34 6.39
C LEU C 98 -5.22 -28.81 6.56
N LEU C 99 -5.12 -28.04 5.46
CA LEU C 99 -5.25 -26.58 5.46
C LEU C 99 -6.71 -26.11 5.48
N GLN C 100 -7.69 -27.04 5.37
CA GLN C 100 -9.12 -26.80 5.51
C GLN C 100 -9.71 -27.11 6.91
N VAL C 101 -9.02 -27.91 7.73
CA VAL C 101 -9.48 -28.28 9.04
C VAL C 101 -9.64 -27.01 9.91
N PRO C 102 -10.85 -26.84 10.50
CA PRO C 102 -11.27 -25.70 11.31
C PRO C 102 -10.82 -25.77 12.75
N LEU C 103 -10.77 -24.69 13.51
CA LEU C 103 -10.43 -24.77 14.93
C LEU C 103 -11.81 -24.90 15.57
N PRO C 104 -12.04 -25.77 16.58
CA PRO C 104 -13.31 -25.91 17.27
C PRO C 104 -13.62 -24.59 17.99
N PRO C 105 -14.82 -24.00 17.84
CA PRO C 105 -15.15 -22.69 18.39
C PRO C 105 -15.15 -22.70 19.89
N TRP C 106 -15.07 -21.57 20.59
CA TRP C 106 -15.19 -21.60 22.05
C TRP C 106 -16.64 -21.93 22.39
N PRO C 107 -16.93 -22.48 23.59
CA PRO C 107 -18.21 -23.13 23.90
C PRO C 107 -19.34 -22.12 23.98
N GLY C 108 -19.03 -20.88 24.38
CA GLY C 108 -20.02 -19.84 24.51
C GLY C 108 -20.45 -19.18 23.20
N ALA C 109 -20.01 -19.63 22.04
CA ALA C 109 -20.41 -18.97 20.84
C ALA C 109 -21.78 -19.43 20.36
N PRO C 110 -22.63 -18.54 19.86
CA PRO C 110 -23.89 -18.90 19.22
C PRO C 110 -23.75 -19.98 18.14
N VAL C 111 -24.40 -21.14 18.12
CA VAL C 111 -24.30 -22.08 17.02
C VAL C 111 -25.37 -21.64 16.07
N GLY C 112 -24.98 -21.47 14.82
CA GLY C 112 -25.92 -21.07 13.77
C GLY C 112 -25.16 -20.25 12.75
N GLY C 113 -25.77 -19.88 11.66
CA GLY C 113 -25.12 -18.98 10.72
C GLY C 113 -25.25 -17.55 11.21
N GLU C 114 -25.10 -16.62 10.28
CA GLU C 114 -25.18 -15.19 10.53
C GLU C 114 -26.19 -14.70 11.57
N GLU C 115 -27.41 -15.12 11.25
CA GLU C 115 -28.56 -14.74 12.01
C GLU C 115 -28.51 -15.16 13.48
N ALA C 116 -27.66 -16.12 13.86
CA ALA C 116 -27.61 -16.53 15.25
C ALA C 116 -26.82 -15.58 16.14
N ASN C 117 -26.23 -14.51 15.55
CA ASN C 117 -25.38 -13.53 16.22
C ASN C 117 -26.04 -12.77 17.36
N ARG C 118 -25.49 -12.64 18.55
CA ARG C 118 -26.20 -11.98 19.65
C ARG C 118 -25.56 -10.64 19.94
N GLU C 119 -26.34 -9.58 20.13
CA GLU C 119 -25.79 -8.31 20.56
C GLU C 119 -25.48 -8.50 22.04
N ILE C 120 -24.30 -8.14 22.48
CA ILE C 120 -23.75 -8.32 23.80
C ILE C 120 -23.95 -7.04 24.57
N LYS C 121 -23.69 -5.85 24.01
CA LYS C 121 -23.69 -4.59 24.78
C LYS C 121 -23.89 -3.46 23.82
N ARG C 122 -24.50 -2.33 24.23
CA ARG C 122 -24.52 -1.20 23.36
C ARG C 122 -24.24 0.00 24.16
N VAL C 123 -23.47 0.94 23.69
CA VAL C 123 -23.11 2.12 24.43
C VAL C 123 -23.55 3.27 23.52
N GLY C 124 -24.47 4.10 23.97
CA GLY C 124 -24.87 5.23 23.19
C GLY C 124 -26.02 4.85 22.30
N GLY C 125 -26.71 5.88 21.86
CA GLY C 125 -27.88 5.63 21.04
C GLY C 125 -27.90 6.42 19.72
N PRO C 126 -28.83 6.01 18.86
CA PRO C 126 -29.30 6.79 17.73
C PRO C 126 -29.50 8.26 18.07
N PRO C 127 -29.12 9.22 17.20
CA PRO C 127 -29.29 10.65 17.44
C PRO C 127 -30.73 11.15 17.25
N GLU C 128 -31.08 12.23 17.98
CA GLU C 128 -32.41 12.84 17.94
C GLU C 128 -32.32 14.10 17.08
N PHE C 129 -32.68 13.97 15.81
CA PHE C 129 -32.49 15.09 14.91
C PHE C 129 -33.68 15.99 14.90
N SER C 130 -33.37 17.21 15.24
CA SER C 130 -34.35 18.29 15.17
C SER C 130 -34.78 18.73 13.75
N PHE C 131 -34.05 18.34 12.70
CA PHE C 131 -34.23 18.77 11.29
C PHE C 131 -34.17 17.48 10.51
N PRO C 132 -34.43 17.39 9.21
CA PRO C 132 -34.17 16.18 8.44
C PRO C 132 -32.66 15.92 8.35
N PRO C 133 -32.16 14.75 8.73
CA PRO C 133 -30.79 14.37 8.48
C PRO C 133 -30.52 14.07 7.01
N LEU C 134 -29.32 14.43 6.58
CA LEU C 134 -28.88 14.11 5.25
C LEU C 134 -28.09 12.84 5.30
N ASP C 135 -28.10 12.23 4.13
CA ASP C 135 -27.32 11.02 3.84
C ASP C 135 -25.83 11.38 3.68
N HIS C 136 -24.81 10.52 3.87
CA HIS C 136 -23.41 10.98 3.87
C HIS C 136 -22.92 11.32 2.47
N VAL C 137 -23.42 10.76 1.35
CA VAL C 137 -22.89 11.29 0.13
C VAL C 137 -23.61 12.60 -0.17
N ALA C 138 -24.90 12.81 0.15
CA ALA C 138 -25.52 14.11 -0.13
C ALA C 138 -24.88 15.20 0.72
N LEU C 139 -24.51 14.87 1.94
CA LEU C 139 -23.79 15.77 2.81
C LEU C 139 -22.46 16.12 2.12
N MET C 140 -21.74 15.13 1.57
CA MET C 140 -20.51 15.38 0.84
C MET C 140 -20.73 16.29 -0.39
N GLU C 141 -21.72 16.02 -1.26
CA GLU C 141 -22.01 16.86 -2.40
C GLU C 141 -22.32 18.31 -1.95
N LYS C 142 -23.15 18.58 -0.97
CA LYS C 142 -23.47 19.91 -0.48
C LYS C 142 -22.26 20.67 0.01
N ASN C 143 -21.32 20.06 0.73
CA ASN C 143 -20.13 20.80 1.12
C ASN C 143 -19.01 20.71 0.08
N GLY C 144 -19.22 20.12 -1.11
CA GLY C 144 -18.27 20.04 -2.21
C GLY C 144 -17.01 19.27 -1.89
N TRP C 145 -17.18 18.19 -1.15
CA TRP C 145 -16.05 17.37 -0.71
C TRP C 145 -15.94 16.07 -1.54
N TRP C 146 -16.77 15.82 -2.54
CA TRP C 146 -16.83 14.54 -3.22
C TRP C 146 -16.31 14.66 -4.64
N GLU C 147 -15.35 13.91 -5.14
CA GLU C 147 -15.05 14.06 -6.55
C GLU C 147 -15.65 12.90 -7.33
N PRO C 148 -16.89 13.06 -7.85
CA PRO C 148 -17.61 12.09 -8.71
C PRO C 148 -16.92 11.67 -9.99
N ARG C 149 -16.03 12.50 -10.56
CA ARG C 149 -15.44 12.10 -11.81
C ARG C 149 -14.46 10.96 -11.62
N ILE C 150 -14.12 10.51 -10.39
CA ILE C 150 -13.14 9.46 -10.25
C ILE C 150 -13.62 8.15 -10.81
N SER C 151 -14.89 8.02 -11.12
CA SER C 151 -15.42 6.79 -11.65
C SER C 151 -15.12 6.55 -13.11
N GLN C 152 -14.94 7.62 -13.95
CA GLN C 152 -14.56 7.44 -15.35
C GLN C 152 -13.08 7.04 -15.41
N VAL C 153 -12.26 7.53 -14.44
CA VAL C 153 -10.84 7.25 -14.39
C VAL C 153 -10.59 5.82 -13.88
N SER C 154 -11.00 5.44 -12.67
CA SER C 154 -10.73 4.14 -12.10
C SER C 154 -11.90 3.18 -12.04
N GLY C 155 -13.13 3.46 -12.44
CA GLY C 155 -14.18 2.45 -12.33
C GLY C 155 -15.00 2.53 -11.05
N SER C 156 -15.91 1.58 -10.83
CA SER C 156 -16.79 1.61 -9.66
C SER C 156 -16.10 1.18 -8.40
N ARG C 157 -16.80 1.34 -7.26
CA ARG C 157 -16.33 1.13 -5.89
C ARG C 157 -14.95 1.81 -5.69
N SER C 158 -14.93 3.08 -6.10
CA SER C 158 -13.76 3.96 -6.11
C SER C 158 -14.11 5.30 -5.46
N TYR C 159 -13.29 6.04 -4.75
CA TYR C 159 -13.72 7.33 -4.29
C TYR C 159 -12.58 8.35 -4.33
N ALA C 160 -12.81 9.66 -4.26
CA ALA C 160 -11.74 10.64 -4.12
C ALA C 160 -12.36 11.75 -3.28
N LEU C 161 -11.62 12.30 -2.33
CA LEU C 161 -12.17 13.28 -1.44
C LEU C 161 -11.38 14.58 -1.70
N LYS C 162 -12.00 15.78 -1.53
CA LYS C 162 -11.51 17.12 -1.78
C LYS C 162 -11.43 18.05 -0.58
N GLY C 163 -10.45 18.89 -0.31
CA GLY C 163 -10.63 19.89 0.74
C GLY C 163 -10.62 19.33 2.14
N ASP C 164 -11.08 20.05 3.18
CA ASP C 164 -11.12 19.58 4.57
C ASP C 164 -11.38 18.13 4.80
N LEU C 165 -12.29 17.50 4.06
CA LEU C 165 -12.51 16.09 4.24
C LEU C 165 -11.31 15.20 3.84
N ALA C 166 -10.55 15.50 2.77
CA ALA C 166 -9.31 14.76 2.44
C ALA C 166 -8.29 14.90 3.58
N LEU C 167 -8.22 16.08 4.13
CA LEU C 167 -7.37 16.34 5.28
C LEU C 167 -7.92 15.58 6.47
N TYR C 168 -9.24 15.43 6.55
CA TYR C 168 -9.85 14.76 7.67
C TYR C 168 -9.44 13.31 7.65
N GLU C 169 -9.55 12.68 6.50
CA GLU C 169 -9.16 11.31 6.36
C GLU C 169 -7.76 11.02 6.89
N LEU C 170 -6.77 11.86 6.56
CA LEU C 170 -5.40 11.72 7.02
C LEU C 170 -5.30 11.99 8.50
N ALA C 171 -5.92 13.05 9.07
CA ALA C 171 -5.89 13.31 10.52
C ALA C 171 -6.42 12.16 11.37
N LEU C 172 -7.43 11.44 10.86
CA LEU C 172 -7.98 10.28 11.55
C LEU C 172 -7.00 9.14 11.62
N LEU C 173 -6.17 8.86 10.59
CA LEU C 173 -5.14 7.80 10.63
C LEU C 173 -4.00 8.09 11.62
N ARG C 174 -3.46 9.32 11.69
CA ARG C 174 -2.50 9.64 12.73
C ARG C 174 -3.21 9.59 14.10
N PHE C 175 -4.46 10.05 14.30
CA PHE C 175 -5.15 9.94 15.57
C PHE C 175 -5.13 8.49 16.10
N ALA C 176 -5.61 7.56 15.30
CA ALA C 176 -5.49 6.18 15.69
C ALA C 176 -4.01 5.78 15.94
N MET C 177 -2.96 6.06 15.13
CA MET C 177 -1.64 5.54 15.46
C MET C 177 -1.14 6.05 16.80
N ASP C 178 -1.39 7.33 17.04
CA ASP C 178 -1.06 7.98 18.30
C ASP C 178 -1.72 7.31 19.48
N PHE C 179 -3.05 7.09 19.41
CA PHE C 179 -3.78 6.44 20.50
C PHE C 179 -3.12 5.10 20.77
N MET C 180 -2.87 4.32 19.69
CA MET C 180 -2.27 3.02 19.83
C MET C 180 -0.90 3.11 20.45
N ALA C 181 -0.09 4.09 20.09
CA ALA C 181 1.27 4.18 20.64
C ALA C 181 1.29 4.54 22.11
N ARG C 182 0.38 5.41 22.57
CA ARG C 182 0.37 5.63 24.00
C ARG C 182 -0.26 4.41 24.68
N ARG C 183 -0.99 3.51 24.01
CA ARG C 183 -1.51 2.33 24.68
C ARG C 183 -0.50 1.19 24.71
N GLY C 184 0.79 1.40 24.53
CA GLY C 184 1.77 0.33 24.63
C GLY C 184 2.09 -0.44 23.35
N PHE C 185 1.44 -0.13 22.23
CA PHE C 185 1.68 -0.83 20.97
C PHE C 185 2.80 -0.18 20.15
N LEU C 186 3.53 -0.98 19.38
CA LEU C 186 4.60 -0.55 18.50
C LEU C 186 4.07 -0.08 17.15
N PRO C 187 4.12 1.21 16.79
CA PRO C 187 3.73 1.68 15.47
C PRO C 187 4.76 1.28 14.42
N MET C 188 4.16 0.89 13.32
CA MET C 188 4.86 0.38 12.17
C MET C 188 4.11 0.89 10.94
N THR C 189 4.79 1.20 9.80
CA THR C 189 4.21 1.52 8.49
C THR C 189 4.67 0.34 7.61
N LEU C 190 3.93 -0.25 6.65
CA LEU C 190 4.25 -1.55 6.05
C LEU C 190 3.80 -1.57 4.61
N PRO C 191 4.31 -2.47 3.73
CA PRO C 191 3.87 -2.60 2.32
C PRO C 191 2.47 -3.22 2.19
N SER C 192 1.83 -3.24 1.00
CA SER C 192 0.52 -3.81 0.77
C SER C 192 0.62 -4.97 -0.20
N TYR C 193 1.75 -5.67 -0.31
CA TYR C 193 1.77 -6.86 -1.18
C TYR C 193 2.66 -7.88 -0.46
N ALA C 194 2.44 -9.14 -0.74
CA ALA C 194 3.24 -10.16 -0.10
C ALA C 194 3.18 -11.39 -0.94
N ARG C 195 4.05 -12.33 -0.61
CA ARG C 195 4.05 -13.60 -1.29
C ARG C 195 2.95 -14.54 -0.85
N GLU C 196 2.58 -15.54 -1.67
CA GLU C 196 1.56 -16.50 -1.30
C GLU C 196 1.62 -17.08 0.11
N LYS C 197 2.83 -17.37 0.54
CA LYS C 197 3.03 -18.02 1.80
C LYS C 197 2.38 -17.21 2.89
N ALA C 198 2.47 -15.87 2.91
CA ALA C 198 1.91 -15.08 3.99
C ALA C 198 0.38 -15.17 3.97
N PHE C 199 -0.21 -15.31 2.79
CA PHE C 199 -1.64 -15.45 2.71
C PHE C 199 -2.04 -16.79 3.30
N LEU C 200 -1.24 -17.80 3.00
CA LEU C 200 -1.45 -19.12 3.58
C LEU C 200 -1.32 -19.13 5.09
N GLY C 201 -0.43 -18.29 5.63
CA GLY C 201 -0.07 -18.26 7.05
C GLY C 201 -1.07 -17.61 7.98
N THR C 202 -1.92 -16.73 7.48
CA THR C 202 -2.99 -16.13 8.25
C THR C 202 -4.31 -16.93 8.13
N GLY C 203 -4.46 -17.77 7.10
CA GLY C 203 -5.72 -18.43 6.86
C GLY C 203 -6.46 -17.70 5.76
N HIS C 204 -5.91 -16.65 5.13
CA HIS C 204 -6.68 -16.03 4.05
C HIS C 204 -6.65 -16.95 2.82
N PHE C 205 -5.58 -17.76 2.67
CA PHE C 205 -5.58 -18.79 1.63
C PHE C 205 -5.67 -20.10 2.40
N PRO C 206 -6.36 -21.18 2.01
CA PRO C 206 -7.17 -21.27 0.79
C PRO C 206 -8.54 -20.62 0.69
N ALA C 207 -9.14 -20.35 1.86
CA ALA C 207 -10.54 -19.98 1.91
C ALA C 207 -10.99 -18.71 1.26
N TYR C 208 -10.32 -17.59 1.48
CA TYR C 208 -10.79 -16.32 0.98
C TYR C 208 -9.98 -15.90 -0.22
N ARG C 209 -9.43 -16.85 -1.00
CA ARG C 209 -8.58 -16.50 -2.12
C ARG C 209 -9.25 -15.56 -3.08
N ASP C 210 -10.53 -15.76 -3.37
CA ASP C 210 -11.28 -14.92 -4.29
C ASP C 210 -11.39 -13.45 -3.82
N GLN C 211 -11.19 -13.17 -2.55
CA GLN C 211 -11.18 -11.83 -2.05
C GLN C 211 -9.96 -11.02 -2.44
N VAL C 212 -8.88 -11.63 -2.91
CA VAL C 212 -7.58 -11.00 -3.09
C VAL C 212 -7.19 -10.80 -4.54
N TRP C 213 -6.74 -9.59 -4.89
CA TRP C 213 -6.29 -9.22 -6.23
C TRP C 213 -4.85 -9.62 -6.42
N ALA C 214 -4.43 -10.39 -7.42
CA ALA C 214 -3.01 -10.68 -7.71
C ALA C 214 -2.32 -9.59 -8.54
N ILE C 215 -1.01 -9.33 -8.44
CA ILE C 215 -0.34 -8.33 -9.30
C ILE C 215 0.18 -9.14 -10.49
N ALA C 216 -0.40 -9.03 -11.67
CA ALA C 216 0.04 -9.77 -12.85
C ALA C 216 1.56 -9.78 -13.10
N GLU C 217 1.95 -10.92 -13.65
CA GLU C 217 3.31 -11.30 -13.93
C GLU C 217 4.22 -11.32 -12.73
N THR C 218 3.78 -11.55 -11.49
CA THR C 218 4.69 -11.56 -10.37
C THR C 218 4.24 -12.60 -9.41
N ASP C 219 5.04 -12.94 -8.43
CA ASP C 219 4.69 -13.95 -7.45
C ASP C 219 4.05 -13.31 -6.21
N LEU C 220 3.41 -12.14 -6.44
CA LEU C 220 2.93 -11.20 -5.44
C LEU C 220 1.42 -11.01 -5.56
N TYR C 221 0.85 -10.64 -4.40
CA TYR C 221 -0.58 -10.40 -4.20
C TYR C 221 -0.79 -9.15 -3.37
N LEU C 222 -1.86 -8.39 -3.58
CA LEU C 222 -2.13 -7.24 -2.75
C LEU C 222 -2.89 -7.62 -1.43
N THR C 223 -2.41 -7.25 -0.23
CA THR C 223 -3.10 -7.61 0.99
C THR C 223 -4.34 -6.77 1.24
N GLY C 224 -5.40 -7.34 1.82
CA GLY C 224 -6.54 -6.58 2.32
C GLY C 224 -6.40 -6.25 3.80
N THR C 225 -5.35 -6.61 4.52
CA THR C 225 -5.19 -6.26 5.90
C THR C 225 -3.72 -6.35 6.30
N ALA C 226 -3.19 -5.40 7.07
CA ALA C 226 -1.81 -5.40 7.51
C ALA C 226 -1.50 -6.65 8.32
N GLU C 227 -2.53 -7.43 8.67
CA GLU C 227 -2.37 -8.70 9.38
C GLU C 227 -1.53 -9.66 8.56
N VAL C 228 -1.63 -9.68 7.23
CA VAL C 228 -0.93 -10.66 6.43
C VAL C 228 0.59 -10.47 6.59
N VAL C 229 1.05 -9.21 6.58
CA VAL C 229 2.46 -8.89 6.71
C VAL C 229 2.94 -9.17 8.16
N LEU C 230 2.23 -8.59 9.11
CA LEU C 230 2.51 -8.63 10.53
C LEU C 230 2.66 -10.04 11.12
N ASN C 231 1.78 -10.90 10.68
CA ASN C 231 1.72 -12.25 11.20
C ASN C 231 2.97 -13.03 10.81
N ALA C 232 3.32 -12.85 9.53
CA ALA C 232 4.51 -13.43 8.88
C ALA C 232 5.89 -12.90 9.31
N LEU C 233 6.04 -11.76 10.00
CA LEU C 233 7.38 -11.30 10.31
C LEU C 233 8.18 -12.32 11.08
N HIS C 234 7.60 -13.01 12.04
CA HIS C 234 8.45 -13.87 12.84
C HIS C 234 8.43 -15.35 12.45
N SER C 235 8.03 -15.73 11.22
CA SER C 235 8.01 -17.11 10.81
C SER C 235 9.38 -17.75 10.97
N GLY C 236 9.46 -18.94 11.52
CA GLY C 236 10.70 -19.66 11.56
C GLY C 236 11.44 -19.39 12.84
N GLU C 237 11.42 -18.16 13.27
CA GLU C 237 12.14 -17.73 14.45
C GLU C 237 11.67 -18.37 15.77
N ILE C 238 12.49 -18.58 16.81
CA ILE C 238 11.96 -19.11 18.07
C ILE C 238 12.05 -17.94 19.05
N LEU C 239 10.95 -17.29 19.35
CA LEU C 239 10.98 -16.11 20.18
C LEU C 239 11.31 -16.47 21.63
N PRO C 240 12.05 -15.62 22.34
CA PRO C 240 12.26 -15.75 23.76
C PRO C 240 11.04 -15.39 24.55
N TYR C 241 10.75 -16.21 25.58
CA TYR C 241 9.66 -15.98 26.49
C TYR C 241 9.53 -14.53 26.97
N GLU C 242 10.62 -13.90 27.40
CA GLU C 242 10.55 -12.52 27.88
C GLU C 242 10.13 -11.48 26.83
N ALA C 243 10.14 -11.84 25.57
CA ALA C 243 9.70 -10.92 24.55
C ALA C 243 8.18 -10.91 24.51
N LEU C 244 7.55 -11.97 24.98
CA LEU C 244 6.12 -12.07 24.81
C LEU C 244 5.42 -11.17 25.82
N PRO C 245 4.23 -10.58 25.51
CA PRO C 245 3.65 -10.44 24.17
C PRO C 245 4.24 -9.35 23.30
N LEU C 246 3.97 -9.62 22.04
CA LEU C 246 4.32 -8.77 20.93
C LEU C 246 3.04 -8.03 20.60
N ARG C 247 3.03 -6.71 20.80
CA ARG C 247 1.82 -5.95 20.49
C ARG C 247 2.15 -5.03 19.34
N TYR C 248 1.68 -5.16 18.11
CA TYR C 248 2.04 -4.25 17.00
C TYR C 248 0.87 -3.39 16.49
N ALA C 249 1.00 -2.11 16.15
CA ALA C 249 -0.14 -1.41 15.54
C ALA C 249 0.29 -1.18 14.12
N GLY C 250 -0.18 -1.85 13.07
CA GLY C 250 0.39 -1.60 11.74
C GLY C 250 -0.45 -0.80 10.73
N TYR C 251 -0.02 0.34 10.15
CA TYR C 251 -0.79 1.04 9.11
C TYR C 251 -0.44 0.50 7.72
N ALA C 252 -1.36 0.28 6.81
CA ALA C 252 -1.00 -0.06 5.44
C ALA C 252 -2.20 0.19 4.57
N PRO C 253 -2.11 0.59 3.29
CA PRO C 253 -3.26 0.73 2.36
C PRO C 253 -3.86 -0.64 2.17
N ALA C 254 -5.16 -0.85 2.03
CA ALA C 254 -5.70 -2.19 1.89
C ALA C 254 -6.44 -2.26 0.59
N PHE C 255 -6.50 -3.37 -0.14
CA PHE C 255 -7.16 -3.49 -1.42
C PHE C 255 -7.95 -4.75 -1.28
N ARG C 256 -9.13 -4.78 -1.89
CA ARG C 256 -10.07 -5.88 -1.79
C ARG C 256 -10.77 -6.09 -3.10
N SER C 257 -10.91 -7.32 -3.65
CA SER C 257 -11.58 -7.48 -4.93
C SER C 257 -13.04 -7.20 -4.83
N GLU C 258 -13.63 -7.54 -3.68
CA GLU C 258 -15.05 -7.34 -3.43
C GLU C 258 -15.86 -8.03 -4.55
N ALA C 259 -15.30 -9.19 -4.91
CA ALA C 259 -15.91 -10.17 -5.81
C ALA C 259 -16.99 -10.77 -4.95
N GLY C 260 -18.21 -10.93 -5.48
CA GLY C 260 -19.31 -11.50 -4.71
C GLY C 260 -20.30 -10.45 -4.14
N SER C 261 -19.93 -9.19 -3.88
CA SER C 261 -20.84 -8.24 -3.30
C SER C 261 -21.69 -7.47 -4.29
N PHE C 262 -22.21 -8.16 -5.29
CA PHE C 262 -23.03 -7.56 -6.33
C PHE C 262 -24.42 -7.11 -5.80
N GLY C 263 -24.80 -5.82 -5.96
CA GLY C 263 -26.08 -5.31 -5.50
C GLY C 263 -25.96 -4.83 -4.08
N LYS C 264 -24.87 -5.13 -3.40
CA LYS C 264 -24.62 -4.70 -2.06
C LYS C 264 -23.83 -3.41 -2.22
N ASP C 265 -23.93 -2.45 -1.30
CA ASP C 265 -23.27 -1.14 -1.25
C ASP C 265 -22.64 -0.41 -2.44
N VAL C 266 -23.44 -0.33 -3.49
CA VAL C 266 -22.99 0.18 -4.77
C VAL C 266 -22.69 1.68 -4.87
N ARG C 267 -23.08 2.57 -3.95
CA ARG C 267 -22.83 4.01 -4.08
C ARG C 267 -22.29 4.60 -2.77
N GLY C 268 -21.13 5.28 -2.64
CA GLY C 268 -20.78 5.89 -1.39
C GLY C 268 -19.48 5.32 -0.89
N LEU C 269 -19.20 5.51 0.38
CA LEU C 269 -17.95 5.11 0.98
C LEU C 269 -17.99 3.75 1.69
N MET C 270 -19.01 2.97 1.50
CA MET C 270 -19.20 1.84 2.38
C MET C 270 -18.39 0.63 1.95
N ARG C 271 -18.34 0.33 0.66
CA ARG C 271 -17.63 -0.82 0.19
C ARG C 271 -16.81 -0.43 -1.05
N VAL C 272 -15.58 0.04 -0.84
CA VAL C 272 -14.66 0.44 -1.91
C VAL C 272 -13.50 -0.54 -2.15
N HIS C 273 -12.80 -0.49 -3.27
CA HIS C 273 -11.65 -1.36 -3.50
C HIS C 273 -10.39 -1.03 -2.73
N GLN C 274 -10.10 0.16 -2.26
CA GLN C 274 -8.80 0.44 -1.74
C GLN C 274 -9.02 1.31 -0.52
N PHE C 275 -8.43 1.16 0.65
CA PHE C 275 -8.77 2.00 1.78
C PHE C 275 -7.60 2.04 2.73
N HIS C 276 -7.61 2.75 3.86
CA HIS C 276 -6.47 2.87 4.76
C HIS C 276 -6.90 2.21 6.04
N LYS C 277 -6.03 1.50 6.73
CA LYS C 277 -6.41 0.70 7.87
C LYS C 277 -5.22 0.65 8.82
N VAL C 278 -5.50 0.80 10.09
CA VAL C 278 -4.51 0.62 11.15
C VAL C 278 -4.96 -0.64 11.92
N GLU C 279 -4.05 -1.59 12.22
CA GLU C 279 -4.36 -2.87 12.86
C GLU C 279 -3.78 -3.16 14.23
N GLN C 280 -4.49 -3.85 15.11
CA GLN C 280 -4.00 -4.29 16.39
C GLN C 280 -3.68 -5.77 16.17
N TYR C 281 -2.44 -6.21 16.36
CA TYR C 281 -2.07 -7.62 16.26
C TYR C 281 -1.30 -8.04 17.51
N VAL C 282 -1.61 -9.16 18.17
CA VAL C 282 -0.85 -9.55 19.37
C VAL C 282 -0.46 -11.00 19.22
N LEU C 283 0.73 -11.38 19.71
CA LEU C 283 1.26 -12.75 19.68
C LEU C 283 1.58 -12.96 21.13
N THR C 284 1.01 -14.02 21.70
CA THR C 284 1.07 -14.25 23.14
C THR C 284 1.45 -15.70 23.44
N GLU C 285 1.83 -15.97 24.69
CA GLU C 285 2.22 -17.32 25.12
C GLU C 285 1.02 -18.24 25.09
N ALA C 286 1.23 -19.55 25.04
CA ALA C 286 0.09 -20.41 24.79
C ALA C 286 -0.82 -20.75 25.98
N SER C 287 -1.44 -19.76 26.64
CA SER C 287 -2.44 -20.05 27.63
C SER C 287 -3.71 -19.27 27.43
N LEU C 288 -4.87 -19.93 27.49
CA LEU C 288 -6.17 -19.23 27.44
C LEU C 288 -6.26 -18.06 28.41
N GLU C 289 -5.61 -18.14 29.56
CA GLU C 289 -5.49 -17.03 30.48
C GLU C 289 -4.94 -15.80 29.72
N ALA C 290 -3.76 -15.94 29.11
CA ALA C 290 -3.09 -14.89 28.38
C ALA C 290 -3.89 -14.40 27.19
N SER C 291 -4.44 -15.35 26.42
CA SER C 291 -5.24 -14.98 25.30
C SER C 291 -6.40 -14.16 25.81
N ASP C 292 -7.17 -14.59 26.79
CA ASP C 292 -8.40 -13.86 27.10
C ASP C 292 -8.12 -12.50 27.68
N ARG C 293 -6.98 -12.36 28.36
CA ARG C 293 -6.48 -11.06 28.80
C ARG C 293 -6.30 -10.19 27.53
N ALA C 294 -5.63 -10.66 26.48
CA ALA C 294 -5.41 -9.87 25.29
C ALA C 294 -6.73 -9.54 24.60
N PHE C 295 -7.68 -10.45 24.39
CA PHE C 295 -8.92 -10.18 23.66
C PHE C 295 -9.63 -9.03 24.31
N GLN C 296 -9.59 -8.96 25.63
CA GLN C 296 -10.26 -7.90 26.36
C GLN C 296 -9.55 -6.60 26.07
N GLU C 297 -8.21 -6.59 26.05
CA GLU C 297 -7.45 -5.38 25.76
C GLU C 297 -7.71 -4.91 24.34
N LEU C 298 -7.83 -5.79 23.36
CA LEU C 298 -8.10 -5.33 22.01
C LEU C 298 -9.48 -4.70 21.92
N LEU C 299 -10.51 -5.30 22.50
CA LEU C 299 -11.86 -4.75 22.50
C LEU C 299 -11.87 -3.38 23.15
N GLU C 300 -11.24 -3.29 24.32
CA GLU C 300 -11.18 -2.05 25.05
C GLU C 300 -10.63 -0.92 24.23
N ASN C 301 -9.48 -1.09 23.59
CA ASN C 301 -8.86 -0.03 22.79
C ASN C 301 -9.77 0.43 21.67
N ALA C 302 -10.40 -0.46 20.95
CA ALA C 302 -11.31 -0.04 19.91
C ALA C 302 -12.51 0.70 20.43
N GLU C 303 -12.97 0.36 21.64
CA GLU C 303 -14.12 1.01 22.21
C GLU C 303 -13.75 2.41 22.61
N GLU C 304 -12.56 2.50 23.17
CA GLU C 304 -12.10 3.78 23.61
C GLU C 304 -11.99 4.71 22.42
N ILE C 305 -11.50 4.16 21.31
CA ILE C 305 -11.40 4.93 20.09
C ILE C 305 -12.79 5.40 19.71
N LEU C 306 -13.84 4.58 19.70
CA LEU C 306 -15.18 5.05 19.31
C LEU C 306 -15.78 6.06 20.29
N ARG C 307 -15.44 5.99 21.57
CA ARG C 307 -15.94 7.01 22.48
C ARG C 307 -15.30 8.33 22.09
N LEU C 308 -13.98 8.45 21.91
CA LEU C 308 -13.34 9.74 21.58
C LEU C 308 -13.89 10.34 20.28
N LEU C 309 -14.37 9.45 19.41
CA LEU C 309 -14.87 9.84 18.13
C LEU C 309 -16.32 10.22 18.24
N GLU C 310 -16.90 10.05 19.43
CA GLU C 310 -18.27 10.43 19.81
C GLU C 310 -19.29 9.71 18.97
N LEU C 311 -19.28 8.38 19.02
CA LEU C 311 -20.10 7.56 18.15
C LEU C 311 -20.89 6.45 18.83
N PRO C 312 -22.16 6.18 18.48
CA PRO C 312 -22.97 5.16 19.13
C PRO C 312 -22.61 3.77 18.64
N TYR C 313 -22.30 2.81 19.51
CA TYR C 313 -21.95 1.49 18.98
C TYR C 313 -22.51 0.36 19.78
N ARG C 314 -22.39 -0.88 19.29
CA ARG C 314 -22.73 -2.05 20.07
C ARG C 314 -21.77 -3.20 19.81
N LEU C 315 -21.43 -4.07 20.76
CA LEU C 315 -20.62 -5.28 20.47
C LEU C 315 -21.58 -6.42 20.11
N VAL C 316 -21.24 -7.41 19.29
CA VAL C 316 -22.13 -8.46 18.82
C VAL C 316 -21.35 -9.74 18.84
N GLU C 317 -21.69 -10.74 19.63
CA GLU C 317 -20.98 -12.00 19.61
C GLU C 317 -21.33 -12.71 18.31
N VAL C 318 -20.33 -13.22 17.59
CA VAL C 318 -20.52 -13.92 16.32
C VAL C 318 -20.71 -15.45 16.47
N ALA C 319 -21.62 -15.98 15.65
CA ALA C 319 -22.01 -17.38 15.70
C ALA C 319 -21.00 -18.23 14.99
N THR C 320 -21.00 -19.52 15.33
CA THR C 320 -20.04 -20.51 14.89
C THR C 320 -20.02 -20.53 13.42
N GLY C 321 -21.13 -20.54 12.74
CA GLY C 321 -21.12 -20.60 11.31
C GLY C 321 -20.90 -19.24 10.65
N ASP C 322 -20.45 -18.20 11.34
CA ASP C 322 -20.12 -16.92 10.71
C ASP C 322 -18.70 -16.49 11.10
N MET C 323 -18.08 -17.09 12.11
CA MET C 323 -16.76 -16.65 12.49
C MET C 323 -15.65 -17.07 11.55
N GLY C 324 -15.77 -18.12 10.72
CA GLY C 324 -14.65 -18.44 9.87
C GLY C 324 -13.73 -19.51 10.48
N PRO C 325 -12.94 -20.18 9.62
CA PRO C 325 -12.38 -21.47 9.91
C PRO C 325 -11.43 -21.50 11.03
N GLY C 326 -10.63 -20.49 11.33
CA GLY C 326 -9.71 -20.73 12.41
C GLY C 326 -9.92 -19.96 13.66
N LYS C 327 -11.13 -19.49 13.96
CA LYS C 327 -11.30 -18.62 15.14
C LYS C 327 -11.75 -19.37 16.36
N TRP C 328 -11.26 -19.00 17.51
CA TRP C 328 -11.77 -19.49 18.75
C TRP C 328 -13.00 -18.63 19.00
N ARG C 329 -12.83 -17.34 18.98
CA ARG C 329 -13.89 -16.43 19.35
C ARG C 329 -13.80 -15.13 18.53
N GLN C 330 -14.90 -14.56 18.08
CA GLN C 330 -14.85 -13.30 17.42
C GLN C 330 -15.97 -12.38 17.91
N VAL C 331 -15.70 -11.14 18.37
CA VAL C 331 -16.73 -10.16 18.73
C VAL C 331 -16.67 -9.02 17.72
N ASP C 332 -17.74 -8.57 17.08
CA ASP C 332 -17.71 -7.43 16.17
C ASP C 332 -18.16 -6.17 16.85
N ILE C 333 -17.83 -4.96 16.36
CA ILE C 333 -18.27 -3.72 16.98
C ILE C 333 -18.93 -3.06 15.79
N GLU C 334 -20.16 -2.55 15.94
CA GLU C 334 -20.89 -1.98 14.82
C GLU C 334 -21.30 -0.60 15.31
N VAL C 335 -21.39 0.35 14.36
CA VAL C 335 -21.71 1.73 14.66
C VAL C 335 -22.94 2.10 13.85
N TYR C 336 -23.71 3.09 14.31
CA TYR C 336 -25.03 3.34 13.77
C TYR C 336 -25.01 4.27 12.60
N LEU C 337 -25.52 3.83 11.48
CA LEU C 337 -25.53 4.71 10.35
C LEU C 337 -26.93 5.22 10.20
N PRO C 338 -27.29 6.45 10.64
CA PRO C 338 -28.57 7.09 10.35
C PRO C 338 -29.22 6.76 9.00
N SER C 339 -28.81 7.18 7.80
CA SER C 339 -29.47 6.80 6.56
C SER C 339 -29.92 5.37 6.37
N GLU C 340 -29.30 4.38 7.00
CA GLU C 340 -29.72 3.00 6.80
C GLU C 340 -30.68 2.50 7.91
N GLY C 341 -30.78 3.19 9.04
CA GLY C 341 -31.56 2.70 10.16
C GLY C 341 -30.92 1.42 10.70
N ARG C 342 -29.59 1.33 10.75
CA ARG C 342 -28.85 0.15 11.14
C ARG C 342 -27.50 0.50 11.67
N TYR C 343 -27.05 -0.46 12.46
CA TYR C 343 -25.68 -0.51 12.93
C TYR C 343 -24.97 -1.21 11.76
N ARG C 344 -23.72 -0.85 11.44
CA ARG C 344 -22.93 -1.40 10.37
C ARG C 344 -21.57 -1.61 10.96
N GLU C 345 -20.90 -2.66 10.50
CA GLU C 345 -19.60 -3.07 11.00
C GLU C 345 -18.45 -2.08 10.85
N THR C 346 -17.69 -1.88 11.93
CA THR C 346 -16.50 -1.10 11.85
C THR C 346 -15.33 -1.90 12.39
N HIS C 347 -15.38 -2.95 13.23
CA HIS C 347 -14.16 -3.58 13.72
C HIS C 347 -14.37 -5.06 13.96
N SER C 348 -13.46 -6.05 13.98
CA SER C 348 -13.78 -7.43 14.41
C SER C 348 -12.69 -7.94 15.30
N CYS C 349 -12.91 -8.40 16.52
CA CYS C 349 -11.84 -8.83 17.41
C CYS C 349 -11.80 -10.32 17.22
N SER C 350 -10.69 -11.02 17.00
CA SER C 350 -10.76 -12.44 16.74
C SER C 350 -9.63 -13.10 17.47
N ALA C 351 -9.87 -14.13 18.31
CA ALA C 351 -8.81 -14.88 18.94
C ALA C 351 -8.63 -16.14 18.10
N LEU C 352 -7.47 -16.62 17.71
CA LEU C 352 -7.41 -17.78 16.83
C LEU C 352 -6.53 -18.88 17.40
N LEU C 353 -6.30 -18.79 18.71
CA LEU C 353 -5.48 -19.74 19.42
C LEU C 353 -4.15 -20.05 18.75
N ASP C 354 -3.88 -21.23 18.17
CA ASP C 354 -2.57 -21.50 17.59
C ASP C 354 -2.68 -21.96 16.15
N TRP C 355 -3.85 -21.71 15.58
CA TRP C 355 -4.20 -22.19 14.29
C TRP C 355 -3.38 -21.42 13.29
N GLN C 356 -3.22 -20.08 13.43
CA GLN C 356 -2.36 -19.49 12.42
C GLN C 356 -0.91 -19.58 12.87
N ALA C 357 -0.55 -19.63 14.15
CA ALA C 357 0.84 -19.89 14.51
C ALA C 357 1.36 -21.19 13.94
N ARG C 358 0.59 -22.25 13.73
CA ARG C 358 1.25 -23.41 13.19
C ARG C 358 1.11 -23.59 11.70
N ARG C 359 0.53 -22.57 11.04
CA ARG C 359 0.54 -22.44 9.57
C ARG C 359 1.79 -21.59 9.28
N ALA C 360 2.06 -20.59 10.11
CA ALA C 360 3.15 -19.72 9.86
C ALA C 360 4.38 -20.15 10.56
N ASN C 361 4.28 -21.16 11.41
CA ASN C 361 5.43 -21.62 12.18
C ASN C 361 6.00 -20.53 13.09
N LEU C 362 5.15 -20.02 13.97
CA LEU C 362 5.49 -19.01 14.97
C LEU C 362 5.62 -19.70 16.32
N ARG C 363 6.83 -19.83 16.87
CA ARG C 363 7.07 -20.55 18.12
C ARG C 363 7.77 -19.70 19.14
N TYR C 364 7.68 -20.08 20.39
CA TYR C 364 8.45 -19.39 21.43
C TYR C 364 9.09 -20.45 22.34
N ARG C 365 10.03 -20.10 23.19
CA ARG C 365 10.64 -21.01 24.14
C ARG C 365 10.24 -20.56 25.53
N ASP C 366 9.50 -21.43 26.21
CA ASP C 366 8.90 -21.13 27.50
C ASP C 366 9.88 -21.13 28.68
N PRO C 367 9.50 -20.98 29.97
CA PRO C 367 10.48 -20.86 31.05
C PRO C 367 11.24 -22.16 31.32
N GLU C 368 10.64 -23.28 30.92
CA GLU C 368 11.27 -24.58 31.12
C GLU C 368 12.17 -24.90 29.95
N GLY C 369 12.34 -24.04 28.96
CA GLY C 369 13.16 -24.41 27.82
C GLY C 369 12.39 -25.13 26.72
N ARG C 370 11.11 -25.50 26.87
CA ARG C 370 10.36 -26.14 25.79
C ARG C 370 9.97 -25.11 24.74
N VAL C 371 10.08 -25.53 23.48
CA VAL C 371 9.72 -24.74 22.33
C VAL C 371 8.25 -25.05 22.11
N ARG C 372 7.34 -24.10 22.00
CA ARG C 372 5.98 -24.48 21.66
C ARG C 372 5.29 -23.40 20.87
N TYR C 373 4.32 -23.79 20.02
CA TYR C 373 3.50 -22.87 19.24
C TYR C 373 2.80 -21.81 20.07
N ALA C 374 2.82 -20.63 19.47
CA ALA C 374 2.32 -19.45 20.12
C ALA C 374 0.85 -19.22 19.87
N TYR C 375 0.29 -18.17 20.48
CA TYR C 375 -1.09 -17.80 20.31
C TYR C 375 -1.24 -16.46 19.60
N THR C 376 -2.11 -16.25 18.62
CA THR C 376 -2.25 -14.95 18.00
C THR C 376 -3.67 -14.40 18.07
N LEU C 377 -3.85 -13.08 18.06
CA LEU C 377 -5.17 -12.46 18.11
C LEU C 377 -5.09 -11.18 17.26
N ASN C 378 -6.17 -10.60 16.77
CA ASN C 378 -6.11 -9.32 16.05
C ASN C 378 -7.41 -8.50 16.13
N ASN C 379 -7.42 -7.19 15.90
CA ASN C 379 -8.63 -6.41 15.87
C ASN C 379 -8.33 -5.11 15.14
N THR C 380 -9.23 -4.45 14.43
CA THR C 380 -9.02 -3.16 13.81
C THR C 380 -8.76 -2.02 14.80
N ALA C 381 -7.96 -0.99 14.48
CA ALA C 381 -7.93 0.15 15.34
C ALA C 381 -8.83 1.15 14.63
N LEU C 382 -8.63 1.42 13.33
CA LEU C 382 -9.45 2.39 12.58
C LEU C 382 -9.26 2.17 11.10
N ALA C 383 -10.28 2.24 10.26
CA ALA C 383 -10.16 2.03 8.84
C ALA C 383 -10.96 3.11 8.13
N THR C 384 -10.42 3.77 7.12
CA THR C 384 -11.03 4.89 6.37
C THR C 384 -11.41 4.24 5.04
N PRO C 385 -12.39 4.59 4.21
CA PRO C 385 -13.29 5.71 4.37
C PRO C 385 -14.57 5.45 5.15
N ARG C 386 -14.99 4.22 5.47
CA ARG C 386 -16.23 3.92 6.19
C ARG C 386 -16.47 4.69 7.50
N ILE C 387 -15.57 4.93 8.47
CA ILE C 387 -15.93 5.69 9.66
C ILE C 387 -16.28 7.10 9.27
N LEU C 388 -15.80 7.61 8.13
CA LEU C 388 -16.14 8.96 7.69
C LEU C 388 -17.61 8.97 7.31
N ALA C 389 -18.19 7.87 6.81
CA ALA C 389 -19.61 7.86 6.49
C ALA C 389 -20.44 7.96 7.76
N MET C 390 -19.93 7.44 8.87
CA MET C 390 -20.62 7.45 10.17
C MET C 390 -20.44 8.70 10.96
N LEU C 391 -19.21 9.23 10.95
CA LEU C 391 -18.90 10.51 11.53
C LEU C 391 -19.70 11.61 10.84
N LEU C 392 -19.70 11.75 9.49
CA LEU C 392 -20.45 12.83 8.84
C LEU C 392 -21.93 12.78 9.24
N GLU C 393 -22.71 11.72 8.97
CA GLU C 393 -24.13 11.59 9.38
C GLU C 393 -24.48 11.81 10.88
N ASN C 394 -23.79 11.15 11.79
CA ASN C 394 -23.93 11.36 13.19
C ASN C 394 -23.50 12.75 13.61
N HIS C 395 -22.68 13.53 12.92
CA HIS C 395 -22.31 14.84 13.44
C HIS C 395 -22.76 15.99 12.51
N GLN C 396 -23.74 15.83 11.61
CA GLN C 396 -24.21 16.90 10.76
C GLN C 396 -24.92 17.95 11.58
N LEU C 397 -24.81 19.23 11.26
CA LEU C 397 -25.51 20.31 11.96
C LEU C 397 -26.66 20.67 11.05
N GLN C 398 -27.76 21.31 11.47
CA GLN C 398 -28.87 21.59 10.54
C GLN C 398 -28.60 22.33 9.25
N ASP C 399 -27.54 23.16 9.19
CA ASP C 399 -27.23 23.86 7.96
C ASP C 399 -26.43 23.07 6.91
N GLY C 400 -26.03 21.82 7.16
CA GLY C 400 -25.29 21.03 6.17
C GLY C 400 -23.85 20.85 6.61
N ARG C 401 -23.29 21.77 7.40
CA ARG C 401 -21.91 21.60 7.83
C ARG C 401 -21.79 20.45 8.81
N VAL C 402 -20.55 19.96 9.08
CA VAL C 402 -20.34 18.79 9.91
C VAL C 402 -19.38 19.19 11.02
N ARG C 403 -19.66 18.72 12.21
CA ARG C 403 -18.94 19.09 13.40
C ARG C 403 -17.73 18.19 13.65
N VAL C 404 -16.56 18.55 14.19
CA VAL C 404 -15.54 17.51 14.35
C VAL C 404 -15.56 17.20 15.83
N PRO C 405 -15.42 15.95 16.32
CA PRO C 405 -15.44 15.64 17.73
C PRO C 405 -14.38 16.37 18.51
N GLN C 406 -14.44 16.46 19.84
CA GLN C 406 -13.43 17.18 20.58
C GLN C 406 -12.04 16.58 20.53
N ALA C 407 -11.91 15.27 20.53
CA ALA C 407 -10.62 14.61 20.48
C ALA C 407 -9.83 14.85 19.19
N LEU C 408 -10.49 15.23 18.08
CA LEU C 408 -9.78 15.55 16.86
C LEU C 408 -9.67 17.02 16.54
N ILE C 409 -10.11 17.95 17.36
CA ILE C 409 -9.89 19.36 17.09
C ILE C 409 -8.41 19.68 17.16
N PRO C 410 -7.53 19.11 17.99
CA PRO C 410 -6.11 19.34 17.84
C PRO C 410 -5.61 18.86 16.46
N TYR C 411 -6.21 17.89 15.74
CA TYR C 411 -5.64 17.48 14.47
C TYR C 411 -6.21 18.31 13.35
N MET C 412 -7.46 18.78 13.43
CA MET C 412 -7.99 19.61 12.38
C MET C 412 -7.64 21.06 12.59
N GLY C 413 -7.58 21.43 13.85
CA GLY C 413 -7.31 22.80 14.22
C GLY C 413 -8.52 23.70 13.98
N LYS C 414 -9.68 23.09 13.81
CA LYS C 414 -10.88 23.85 13.65
C LYS C 414 -11.99 23.00 14.23
N GLU C 415 -13.18 23.55 14.46
CA GLU C 415 -14.25 22.77 15.08
C GLU C 415 -15.33 22.32 14.13
N VAL C 416 -15.44 22.93 12.96
CA VAL C 416 -16.51 22.55 12.06
C VAL C 416 -15.82 22.45 10.74
N LEU C 417 -16.06 21.39 10.00
CA LEU C 417 -15.47 21.24 8.69
C LEU C 417 -15.99 22.29 7.71
N GLU C 418 -15.05 23.06 7.17
CA GLU C 418 -15.27 24.03 6.11
C GLU C 418 -15.49 23.44 4.70
N PRO C 419 -16.52 23.89 3.97
CA PRO C 419 -16.86 23.44 2.60
C PRO C 419 -16.02 24.00 1.47
N CYS C 420 -15.90 23.23 0.41
CA CYS C 420 -15.06 23.56 -0.72
C CYS C 420 -15.91 24.01 -1.90
N GLY C 421 -15.65 23.46 -3.08
CA GLY C 421 -16.37 23.73 -4.32
C GLY C 421 -15.86 22.63 -5.26
#